data_8V2E
#
_entry.id   8V2E
#
_cell.length_a   78.032
_cell.length_b   84.941
_cell.length_c   205.969
_cell.angle_alpha   90.000
_cell.angle_beta   90.000
_cell.angle_gamma   90.000
#
_symmetry.space_group_name_H-M   'P 21 21 21'
#
loop_
_entity.id
_entity.type
_entity.pdbx_description
1 polymer 'Antibody 10E8 FAB HEAVY CHAIN'
2 polymer 'Antibody 10E8 FAB LIGHT CHAIN'
3 polymer '10E8 EPITOPE SCAFFOLD B055'
4 non-polymer 2-acetamido-2-deoxy-beta-D-glucopyranose
5 water water
#
loop_
_entity_poly.entity_id
_entity_poly.type
_entity_poly.pdbx_seq_one_letter_code
_entity_poly.pdbx_strand_id
1 'polypeptide(L)'
;EVQLVESGGGLVKPGGSLRLSCSASGFDFDNAWMTWVRQPPGKGLEWVGRITGPGEGWSVDYAAPVEGRFTISRLNSINF
LYLEMNNLRMEDSGLYFCARTGKYYDFWSGYPPGEEYFQDWGRGTLVTVSSASTKGPSVFPLAPSSKSTSGGTAALGCLV
KDYFPEPVTVSWNSGALTSGVHTFPAVLQSSGLYSLSSVVTVPSSSLGTQTYICNVNHKPSNTKVDKRVEPKSC
;
A,D
2 'polypeptide(L)'
;SYELTQETGVSVALGRTVTITCRGDSLRSHYASWYQKKPGQAPILLFYGKNNRPSGVPDRFSGSASGNRASLTISGAQAE
DDAEYYCSSRDKSGSRLSVFGGGTKLTVLSQPKAAPSVTLFPPSSEELQANKATLVCLISDFYPGAVTVAWKADSSPVKA
GVETTTPSKQSNNKYAASSYLSLTPEQWKSHRSYSCQVTHEGSTVEKTVAPTECS
;
B,E
3 'polypeptide(L)'
;ETGNVSQEDIIRALAEPLIDDGMVEKEFADHVIEREKQTPTGLQAEPVGVAIPHTMGEYVRENAISVGILTKPVNFTGWY
QSEEPVPVRVVFMLAIRNWFDITNVLNWIKRVIQDRDFMRRLLTMNDEEIYEEIYKKIKQAPNLTGIHFTKKYVRHLNGS
GGSGLNDIFEAQKIEWHEGSGGHHHHHH
;
C,F
#
# COMPACT_ATOMS: atom_id res chain seq x y z
N GLU A 1 25.59 24.21 -11.29
CA GLU A 1 25.84 22.81 -11.62
C GLU A 1 24.56 22.12 -12.10
N VAL A 2 24.03 21.21 -11.28
CA VAL A 2 22.74 20.61 -11.60
C VAL A 2 21.66 21.67 -11.54
N GLN A 3 20.84 21.73 -12.59
CA GLN A 3 19.70 22.61 -12.62
C GLN A 3 18.49 21.83 -13.09
N LEU A 4 17.40 21.93 -12.34
CA LEU A 4 16.13 21.33 -12.70
C LEU A 4 15.09 22.43 -12.62
N VAL A 5 14.45 22.73 -13.74
CA VAL A 5 13.37 23.70 -13.78
C VAL A 5 12.08 22.95 -14.07
N GLU A 6 11.09 23.12 -13.21
CA GLU A 6 9.77 22.60 -13.50
C GLU A 6 8.93 23.69 -14.16
N SER A 7 7.87 23.24 -14.86
CA SER A 7 6.96 24.14 -15.56
C SER A 7 5.71 23.35 -15.93
N GLY A 8 4.61 24.07 -16.10
CA GLY A 8 3.35 23.46 -16.53
C GLY A 8 2.25 23.50 -15.49
N GLY A 9 2.58 23.73 -14.22
CA GLY A 9 1.56 23.86 -13.22
C GLY A 9 0.79 25.16 -13.37
N GLY A 10 -0.38 25.20 -12.75
CA GLY A 10 -1.22 26.37 -12.84
C GLY A 10 -2.62 26.06 -12.35
N LEU A 11 -3.55 26.96 -12.66
CA LEU A 11 -4.93 26.81 -12.24
C LEU A 11 -5.65 25.88 -13.22
N VAL A 12 -6.34 24.88 -12.67
CA VAL A 12 -7.03 23.87 -13.46
C VAL A 12 -8.22 23.37 -12.62
N LYS A 13 -9.27 22.92 -13.30
CA LYS A 13 -10.53 22.50 -12.70
C LYS A 13 -10.60 20.98 -12.58
N PRO A 14 -11.48 20.46 -11.72
CA PRO A 14 -11.59 19.00 -11.57
C PRO A 14 -11.98 18.34 -12.88
N GLY A 15 -11.43 17.14 -13.09
CA GLY A 15 -11.61 16.44 -14.34
C GLY A 15 -10.70 16.90 -15.45
N GLY A 16 -9.98 18.01 -15.26
CA GLY A 16 -9.16 18.56 -16.32
C GLY A 16 -7.87 17.81 -16.49
N SER A 17 -7.04 18.31 -17.39
CA SER A 17 -5.75 17.72 -17.69
C SER A 17 -4.66 18.77 -17.54
N LEU A 18 -3.44 18.28 -17.43
CA LEU A 18 -2.30 19.19 -17.33
C LEU A 18 -1.05 18.41 -17.71
N ARG A 19 -0.10 19.09 -18.36
CA ARG A 19 1.20 18.51 -18.67
C ARG A 19 2.26 19.29 -17.90
N LEU A 20 3.04 18.58 -17.11
CA LEU A 20 4.15 19.18 -16.40
C LEU A 20 5.43 18.83 -17.13
N SER A 21 6.42 19.69 -16.98
CA SER A 21 7.68 19.51 -17.69
C SER A 21 8.80 19.89 -16.75
N CYS A 22 9.95 19.27 -16.97
CA CYS A 22 11.13 19.52 -16.17
C CYS A 22 12.32 19.51 -17.12
N SER A 23 13.14 20.53 -17.04
CA SER A 23 14.30 20.70 -17.90
C SER A 23 15.56 20.49 -17.05
N ALA A 24 16.48 19.65 -17.53
CA ALA A 24 17.62 19.25 -16.72
C ALA A 24 18.93 19.68 -17.37
N SER A 25 19.88 20.08 -16.53
CA SER A 25 21.22 20.43 -16.99
C SER A 25 22.22 20.07 -15.90
N GLY A 26 23.49 19.95 -16.31
CA GLY A 26 24.58 19.77 -15.38
C GLY A 26 24.89 18.34 -15.01
N PHE A 27 24.26 17.36 -15.65
CA PHE A 27 24.53 15.97 -15.34
C PHE A 27 24.07 15.11 -16.50
N ASP A 28 24.36 13.82 -16.41
CA ASP A 28 24.05 12.87 -17.49
C ASP A 28 22.56 12.55 -17.42
N PHE A 29 21.75 13.42 -18.01
CA PHE A 29 20.32 13.21 -17.98
C PHE A 29 19.93 11.93 -18.71
N ASP A 30 20.50 11.70 -19.90
CA ASP A 30 20.00 10.62 -20.73
C ASP A 30 20.06 9.26 -20.02
N ASN A 31 20.96 9.08 -19.06
CA ASN A 31 21.11 7.78 -18.41
C ASN A 31 20.66 7.78 -16.95
N ALA A 32 20.00 8.84 -16.50
CA ALA A 32 19.63 8.97 -15.10
C ALA A 32 18.17 8.57 -14.89
N TRP A 33 17.89 8.11 -13.67
CA TRP A 33 16.53 7.87 -13.24
C TRP A 33 15.94 9.19 -12.74
N MET A 34 14.69 9.45 -13.09
CA MET A 34 14.03 10.71 -12.77
C MET A 34 12.70 10.42 -12.10
N THR A 35 12.39 11.19 -11.06
CA THR A 35 11.25 10.96 -10.20
C THR A 35 10.40 12.21 -10.05
N TRP A 36 9.08 12.03 -10.04
CA TRP A 36 8.15 13.08 -9.66
C TRP A 36 7.66 12.87 -8.23
N VAL A 37 7.67 13.95 -7.43
CA VAL A 37 7.18 13.94 -6.05
C VAL A 37 6.24 15.13 -5.87
N ARG A 38 5.20 14.95 -5.06
CA ARG A 38 4.23 16.00 -4.81
C ARG A 38 4.06 16.22 -3.32
N GLN A 39 3.64 17.42 -2.96
CA GLN A 39 3.44 17.81 -1.57
C GLN A 39 2.13 18.58 -1.51
N PRO A 40 1.06 17.96 -1.01
CA PRO A 40 -0.20 18.68 -0.89
C PRO A 40 -0.06 19.82 0.10
N PRO A 41 -0.84 20.88 -0.07
CA PRO A 41 -0.79 22.00 0.88
C PRO A 41 -1.07 21.55 2.29
N GLY A 42 -0.14 21.87 3.20
CA GLY A 42 -0.22 21.47 4.59
C GLY A 42 0.29 20.08 4.88
N LYS A 43 0.55 19.26 3.85
CA LYS A 43 0.81 17.85 4.00
C LYS A 43 2.27 17.55 3.68
N GLY A 44 2.62 16.26 3.65
CA GLY A 44 3.99 15.84 3.48
C GLY A 44 4.31 15.39 2.06
N LEU A 45 5.58 15.07 1.85
CA LEU A 45 6.01 14.59 0.55
C LEU A 45 5.31 13.27 0.22
N GLU A 46 4.98 13.09 -1.05
CA GLU A 46 4.37 11.85 -1.49
C GLU A 46 5.01 11.45 -2.80
N TRP A 47 5.46 10.21 -2.88
CA TRP A 47 6.14 9.73 -4.08
C TRP A 47 5.11 9.45 -5.16
N VAL A 48 5.32 9.99 -6.35
CA VAL A 48 4.36 9.86 -7.44
C VAL A 48 4.72 8.71 -8.37
N GLY A 49 5.94 8.73 -8.89
CA GLY A 49 6.34 7.71 -9.85
C GLY A 49 7.76 7.95 -10.31
N ARG A 50 8.27 6.99 -11.07
CA ARG A 50 9.68 7.02 -11.45
C ARG A 50 9.88 6.37 -12.82
N ILE A 51 10.65 7.04 -13.69
CA ILE A 51 11.04 6.48 -14.97
C ILE A 51 12.52 6.13 -14.94
N THR A 52 12.83 4.95 -15.48
CA THR A 52 14.17 4.37 -15.45
C THR A 52 14.95 4.80 -16.70
N GLY A 53 16.06 4.12 -16.97
CA GLY A 53 16.90 4.48 -18.09
C GLY A 53 16.87 3.44 -19.19
N PRO A 54 17.80 3.57 -20.13
CA PRO A 54 17.77 2.68 -21.31
C PRO A 54 17.95 1.21 -20.97
N GLY A 55 18.78 0.88 -19.97
CA GLY A 55 18.99 -0.52 -19.63
C GLY A 55 17.73 -1.18 -19.11
N GLU A 56 16.84 -0.39 -18.52
CA GLU A 56 15.60 -0.89 -17.96
C GLU A 56 14.42 -0.71 -18.93
N GLY A 57 14.70 -0.33 -20.18
CA GLY A 57 13.66 -0.11 -21.17
C GLY A 57 12.81 1.14 -20.96
N TRP A 58 13.30 2.11 -20.19
CA TRP A 58 12.51 3.28 -19.77
C TRP A 58 11.21 2.89 -19.06
N SER A 59 11.21 1.78 -18.32
CA SER A 59 9.97 1.39 -17.63
C SER A 59 9.61 2.43 -16.58
N VAL A 60 8.31 2.56 -16.29
CA VAL A 60 7.86 3.55 -15.32
C VAL A 60 7.09 2.82 -14.23
N ASP A 61 7.32 3.21 -12.98
CA ASP A 61 6.56 2.69 -11.86
C ASP A 61 5.74 3.81 -11.23
N TYR A 62 4.50 3.50 -10.87
CA TYR A 62 3.54 4.50 -10.42
C TYR A 62 3.01 4.20 -9.02
N ALA A 63 2.85 5.25 -8.23
CA ALA A 63 2.13 5.12 -6.97
C ALA A 63 0.70 4.67 -7.24
N ALA A 64 0.17 3.84 -6.33
CA ALA A 64 -1.15 3.26 -6.55
C ALA A 64 -2.26 4.28 -6.80
N PRO A 65 -2.35 5.43 -6.10
CA PRO A 65 -3.43 6.37 -6.40
C PRO A 65 -3.41 6.92 -7.82
N VAL A 66 -2.22 7.18 -8.39
CA VAL A 66 -2.18 7.81 -9.70
C VAL A 66 -2.09 6.82 -10.83
N GLU A 67 -1.95 5.53 -10.53
CA GLU A 67 -1.83 4.52 -11.57
C GLU A 67 -3.05 4.56 -12.47
N GLY A 68 -2.80 4.72 -13.78
CA GLY A 68 -3.85 4.77 -14.78
C GLY A 68 -4.34 6.17 -15.12
N ARG A 69 -3.87 7.20 -14.42
CA ARG A 69 -4.27 8.56 -14.70
C ARG A 69 -3.13 9.49 -15.06
N PHE A 70 -1.92 9.23 -14.59
CA PHE A 70 -0.76 10.04 -14.88
C PHE A 70 0.20 9.20 -15.69
N THR A 71 0.91 9.85 -16.61
CA THR A 71 1.89 9.18 -17.45
C THR A 71 3.20 9.95 -17.41
N ILE A 72 4.29 9.25 -17.11
CA ILE A 72 5.63 9.83 -17.09
C ILE A 72 6.36 9.46 -18.38
N SER A 73 7.15 10.40 -18.89
CA SER A 73 7.79 10.25 -20.19
C SER A 73 9.01 11.16 -20.22
N ARG A 74 9.82 10.98 -21.26
CA ARG A 74 11.05 11.75 -21.36
C ARG A 74 11.42 11.96 -22.83
N LEU A 75 12.19 13.03 -23.03
CA LEU A 75 12.80 13.36 -24.32
C LEU A 75 14.25 13.69 -24.01
N ASN A 76 15.14 12.73 -24.25
CA ASN A 76 16.53 12.87 -23.80
C ASN A 76 17.35 13.78 -24.70
N SER A 77 16.84 14.05 -25.90
CA SER A 77 17.51 14.91 -26.87
C SER A 77 17.36 16.37 -26.52
N ILE A 78 16.46 16.71 -25.59
CA ILE A 78 16.37 18.05 -25.02
C ILE A 78 16.37 18.02 -23.51
N ASN A 79 16.55 16.85 -22.90
CA ASN A 79 16.75 16.72 -21.47
C ASN A 79 15.51 17.17 -20.71
N PHE A 80 14.37 16.64 -21.13
CA PHE A 80 13.06 17.03 -20.61
C PHE A 80 12.39 15.82 -19.98
N LEU A 81 11.77 16.04 -18.83
CA LEU A 81 10.97 15.03 -18.15
C LEU A 81 9.53 15.53 -18.10
N TYR A 82 8.58 14.63 -18.37
CA TYR A 82 7.19 15.04 -18.45
C TYR A 82 6.30 14.21 -17.53
N LEU A 83 5.31 14.89 -16.97
CA LEU A 83 4.21 14.26 -16.24
C LEU A 83 2.91 14.77 -16.87
N GLU A 84 2.22 13.89 -17.61
CA GLU A 84 0.91 14.23 -18.16
C GLU A 84 -0.16 13.73 -17.18
N MET A 85 -0.99 14.65 -16.71
CA MET A 85 -1.99 14.38 -15.68
C MET A 85 -3.37 14.46 -16.33
N ASN A 86 -4.19 13.44 -16.12
CA ASN A 86 -5.57 13.45 -16.55
C ASN A 86 -6.49 13.08 -15.39
N ASN A 87 -7.75 13.51 -15.49
CA ASN A 87 -8.75 13.33 -14.44
C ASN A 87 -8.27 13.91 -13.11
N LEU A 88 -7.70 15.10 -13.15
CA LEU A 88 -7.20 15.75 -11.95
C LEU A 88 -8.33 16.04 -10.98
N ARG A 89 -8.00 16.00 -9.69
CA ARG A 89 -8.94 16.31 -8.63
C ARG A 89 -8.28 17.30 -7.68
N MET A 90 -9.10 17.85 -6.78
CA MET A 90 -8.53 18.62 -5.69
C MET A 90 -7.48 17.81 -4.95
N GLU A 91 -7.76 16.52 -4.74
CA GLU A 91 -6.86 15.63 -4.00
C GLU A 91 -5.48 15.54 -4.65
N ASP A 92 -5.37 15.92 -5.93
CA ASP A 92 -4.09 15.93 -6.65
C ASP A 92 -3.41 17.29 -6.64
N SER A 93 -4.07 18.33 -6.14
CA SER A 93 -3.46 19.66 -6.09
C SER A 93 -2.20 19.63 -5.22
N GLY A 94 -1.37 20.65 -5.37
CA GLY A 94 -0.16 20.76 -4.61
C GLY A 94 1.05 21.05 -5.49
N LEU A 95 2.22 20.98 -4.87
CA LEU A 95 3.47 21.40 -5.51
C LEU A 95 4.24 20.16 -5.94
N TYR A 96 4.56 20.07 -7.24
CA TYR A 96 5.20 18.90 -7.83
C TYR A 96 6.66 19.22 -8.14
N PHE A 97 7.57 18.32 -7.72
CA PHE A 97 9.00 18.42 -8.02
C PHE A 97 9.48 17.25 -8.88
N CYS A 98 10.48 17.51 -9.71
CA CYS A 98 11.30 16.43 -10.28
C CYS A 98 12.54 16.25 -9.42
N ALA A 99 12.91 15.00 -9.21
CA ALA A 99 14.15 14.69 -8.52
C ALA A 99 15.02 13.83 -9.42
N ARG A 100 16.32 14.10 -9.38
CA ARG A 100 17.28 13.15 -9.92
C ARG A 100 17.42 12.01 -8.92
N THR A 101 17.33 10.78 -9.39
CA THR A 101 17.21 9.61 -8.56
C THR A 101 18.44 8.75 -8.72
N GLY A 102 19.17 8.51 -7.61
CA GLY A 102 20.29 7.60 -7.61
C GLY A 102 19.87 6.22 -7.20
N LYS A 103 20.80 5.28 -7.34
CA LYS A 103 20.55 3.88 -7.03
C LYS A 103 21.56 3.42 -5.99
N TYR A 104 21.07 2.75 -4.94
CA TYR A 104 21.95 2.25 -3.88
C TYR A 104 21.67 0.78 -3.56
N TYR A 105 22.72 -0.01 -3.56
CA TYR A 105 22.63 -1.41 -3.13
C TYR A 105 23.93 -1.78 -2.43
N ASP A 106 23.88 -1.91 -1.11
CA ASP A 106 25.02 -2.46 -0.37
C ASP A 106 25.18 -3.94 -0.66
N PHE A 107 26.42 -4.37 -0.90
CA PHE A 107 26.66 -5.75 -1.32
C PHE A 107 26.41 -6.74 -0.17
N TRP A 108 27.12 -6.57 0.95
CA TRP A 108 27.07 -7.58 2.00
C TRP A 108 25.68 -7.69 2.61
N SER A 109 25.01 -6.56 2.80
CA SER A 109 23.78 -6.53 3.57
C SER A 109 22.58 -6.00 2.78
N GLY A 110 22.73 -5.72 1.50
CA GLY A 110 21.61 -5.26 0.73
C GLY A 110 20.74 -6.40 0.21
N TYR A 111 19.52 -6.02 -0.16
CA TYR A 111 18.46 -6.90 -0.61
C TYR A 111 17.85 -6.25 -1.85
N PRO A 112 17.76 -6.96 -2.98
CA PRO A 112 17.27 -6.31 -4.20
C PRO A 112 15.84 -5.87 -4.05
N PRO A 113 15.40 -4.84 -4.79
CA PRO A 113 16.09 -4.11 -5.85
C PRO A 113 16.82 -2.89 -5.32
N GLY A 114 17.47 -3.00 -4.18
CA GLY A 114 18.18 -1.86 -3.66
C GLY A 114 17.24 -0.78 -3.13
N GLU A 115 17.79 0.40 -3.01
CA GLU A 115 17.03 1.59 -2.63
C GLU A 115 17.31 2.73 -3.59
N GLU A 116 16.31 3.59 -3.78
CA GLU A 116 16.44 4.78 -4.61
C GLU A 116 16.40 6.02 -3.74
N TYR A 117 17.33 6.94 -3.97
CA TYR A 117 17.40 8.20 -3.23
C TYR A 117 17.39 9.38 -4.22
N PHE A 118 17.16 10.58 -3.71
CA PHE A 118 16.86 11.74 -4.57
C PHE A 118 17.90 12.84 -4.36
N GLN A 119 18.97 12.81 -5.17
CA GLN A 119 20.16 13.58 -4.90
C GLN A 119 20.08 15.03 -5.34
N ASP A 120 19.12 15.40 -6.19
CA ASP A 120 18.94 16.78 -6.64
C ASP A 120 17.47 16.99 -6.95
N TRP A 121 16.94 18.15 -6.52
CA TRP A 121 15.54 18.45 -6.73
C TRP A 121 15.39 19.79 -7.46
N GLY A 122 14.19 20.02 -8.01
CA GLY A 122 13.83 21.33 -8.49
C GLY A 122 13.08 22.09 -7.43
N ARG A 123 12.80 23.37 -7.73
CA ARG A 123 12.01 24.19 -6.81
C ARG A 123 10.51 23.94 -6.92
N GLY A 124 10.05 23.41 -8.04
CA GLY A 124 8.71 22.86 -8.12
C GLY A 124 7.79 23.70 -8.98
N THR A 125 6.67 23.10 -9.34
CA THR A 125 5.62 23.79 -10.07
C THR A 125 4.30 23.54 -9.35
N LEU A 126 3.50 24.59 -9.18
CA LEU A 126 2.29 24.50 -8.38
C LEU A 126 1.11 24.21 -9.29
N VAL A 127 0.36 23.16 -8.97
CA VAL A 127 -0.88 22.81 -9.65
C VAL A 127 -2.00 22.99 -8.63
N THR A 128 -2.93 23.88 -8.95
CA THR A 128 -4.09 24.13 -8.10
C THR A 128 -5.33 23.58 -8.78
N VAL A 129 -6.04 22.69 -8.09
CA VAL A 129 -7.30 22.16 -8.59
C VAL A 129 -8.40 22.61 -7.63
N SER A 130 -9.31 23.44 -8.12
CA SER A 130 -10.44 23.92 -7.33
C SER A 130 -11.60 24.17 -8.29
N SER A 131 -12.78 24.36 -7.71
CA SER A 131 -13.96 24.72 -8.47
C SER A 131 -14.30 26.20 -8.37
N ALA A 132 -13.35 27.01 -7.89
CA ALA A 132 -13.64 28.38 -7.47
C ALA A 132 -13.59 29.41 -8.57
N SER A 133 -13.33 29.01 -9.82
CA SER A 133 -13.32 29.92 -10.97
C SER A 133 -12.30 31.02 -10.69
N THR A 134 -12.70 32.29 -10.60
CA THR A 134 -11.82 33.39 -10.24
C THR A 134 -12.65 34.45 -9.53
N LYS A 135 -12.00 35.24 -8.69
CA LYS A 135 -12.74 36.13 -7.78
C LYS A 135 -11.90 37.34 -7.39
N GLY A 136 -12.40 38.53 -7.70
CA GLY A 136 -11.83 39.76 -7.20
C GLY A 136 -12.19 39.99 -5.74
N PRO A 137 -11.28 40.58 -4.97
CA PRO A 137 -11.43 40.60 -3.51
C PRO A 137 -12.37 41.70 -3.03
N SER A 138 -12.90 41.48 -1.83
CA SER A 138 -13.70 42.48 -1.12
C SER A 138 -12.87 43.03 0.02
N VAL A 139 -12.81 44.35 0.13
CA VAL A 139 -11.89 45.00 1.06
C VAL A 139 -12.69 45.82 2.06
N PHE A 140 -12.37 45.69 3.35
CA PHE A 140 -13.05 46.34 4.47
C PHE A 140 -12.04 46.93 5.44
N PRO A 141 -12.28 48.14 5.94
CA PRO A 141 -11.33 48.75 6.88
C PRO A 141 -11.40 48.10 8.26
N LEU A 142 -10.25 48.00 8.91
CA LEU A 142 -10.15 47.56 10.30
C LEU A 142 -9.78 48.80 11.13
N ALA A 143 -10.80 49.50 11.63
CA ALA A 143 -10.57 50.77 12.30
C ALA A 143 -10.02 50.54 13.71
N PRO A 144 -9.17 51.44 14.20
CA PRO A 144 -8.67 51.31 15.57
C PRO A 144 -9.76 51.50 16.60
N SER A 145 -9.63 50.78 17.72
CA SER A 145 -10.59 50.85 18.81
C SER A 145 -9.91 50.80 20.17
N ALA A 154 -1.30 51.41 18.66
CA ALA A 154 -2.41 51.77 17.77
C ALA A 154 -2.37 50.97 16.47
N ALA A 155 -3.11 49.86 16.42
CA ALA A 155 -3.09 48.95 15.28
C ALA A 155 -4.31 49.21 14.40
N LEU A 156 -4.07 49.52 13.12
CA LEU A 156 -5.12 49.72 12.13
C LEU A 156 -4.77 48.97 10.85
N GLY A 157 -5.76 48.29 10.27
CA GLY A 157 -5.46 47.46 9.11
C GLY A 157 -6.57 47.32 8.08
N CYS A 158 -6.35 46.43 7.11
CA CYS A 158 -7.31 46.15 6.05
C CYS A 158 -7.52 44.64 5.92
N LEU A 159 -8.74 44.25 5.59
CA LEU A 159 -9.10 42.84 5.46
C LEU A 159 -9.52 42.56 4.01
N VAL A 160 -8.92 41.52 3.43
CA VAL A 160 -9.14 41.14 2.05
C VAL A 160 -9.88 39.82 2.04
N LYS A 161 -11.07 39.79 1.43
CA LYS A 161 -12.01 38.70 1.58
C LYS A 161 -12.36 38.09 0.23
N ASP A 162 -12.32 36.75 0.17
CA ASP A 162 -12.99 35.95 -0.85
C ASP A 162 -12.44 36.21 -2.27
N TYR A 163 -11.18 35.84 -2.48
CA TYR A 163 -10.57 35.89 -3.81
C TYR A 163 -10.03 34.52 -4.19
N PHE A 164 -9.77 34.72 -5.36
CA PHE A 164 -9.26 33.57 -6.09
C PHE A 164 -8.86 34.05 -7.48
N PRO A 165 -7.68 33.68 -7.99
CA PRO A 165 -6.62 32.88 -7.36
C PRO A 165 -5.47 33.67 -6.78
N GLU A 166 -4.60 32.94 -6.09
CA GLU A 166 -3.44 33.54 -5.47
C GLU A 166 -2.47 34.00 -6.55
N PRO A 167 -1.68 35.01 -6.27
CA PRO A 167 -1.58 35.78 -5.02
C PRO A 167 -2.38 37.06 -5.06
N VAL A 168 -1.88 38.11 -4.37
CA VAL A 168 -2.51 39.29 -3.79
C VAL A 168 -1.42 40.21 -3.26
N THR A 169 -1.50 41.50 -3.60
CA THR A 169 -0.50 42.48 -3.24
C THR A 169 -1.15 43.63 -2.49
N VAL A 170 -0.48 44.11 -1.46
CA VAL A 170 -0.98 45.17 -0.61
C VAL A 170 -0.02 46.36 -0.68
N SER A 171 -0.49 47.51 -0.18
CA SER A 171 0.27 48.75 -0.14
C SER A 171 -0.44 49.72 0.78
N TRP A 172 0.33 50.46 1.58
CA TRP A 172 -0.22 51.44 2.50
C TRP A 172 0.22 52.84 2.09
N ASN A 173 -0.63 53.82 2.40
CA ASN A 173 -0.38 55.22 2.04
C ASN A 173 -0.21 55.40 0.55
N SER A 174 -0.90 54.56 -0.24
CA SER A 174 -0.82 54.57 -1.70
C SER A 174 0.63 54.41 -2.17
N GLY A 175 1.20 53.24 -1.89
CA GLY A 175 2.60 53.03 -2.18
C GLY A 175 3.53 53.86 -1.32
N ALA A 176 3.04 54.30 -0.16
CA ALA A 176 3.83 55.16 0.72
C ALA A 176 5.07 54.46 1.28
N LEU A 177 5.13 53.14 1.15
CA LEU A 177 6.29 52.39 1.64
C LEU A 177 6.44 52.52 3.16
N THR A 178 5.31 52.54 3.85
CA THR A 178 5.32 52.73 5.30
C THR A 178 5.84 51.47 6.00
N SER A 179 6.61 51.67 7.07
CA SER A 179 7.11 50.59 7.88
C SER A 179 6.12 50.26 9.00
N GLY A 180 6.37 49.16 9.70
CA GLY A 180 5.42 48.71 10.70
C GLY A 180 4.22 48.02 10.12
N VAL A 181 4.26 47.63 8.85
CA VAL A 181 3.14 46.99 8.17
C VAL A 181 3.43 45.50 8.06
N HIS A 182 2.48 44.69 8.52
CA HIS A 182 2.61 43.24 8.54
C HIS A 182 1.43 42.66 7.77
N THR A 183 1.73 41.89 6.72
CA THR A 183 0.70 41.25 5.92
C THR A 183 0.63 39.78 6.29
N PHE A 184 -0.54 39.33 6.71
CA PHE A 184 -0.67 37.99 7.24
C PHE A 184 -0.87 36.99 6.12
N PRO A 185 -0.24 35.82 6.23
CA PRO A 185 -0.52 34.74 5.27
C PRO A 185 -2.02 34.44 5.24
N ALA A 186 -2.54 34.34 4.03
CA ALA A 186 -3.96 34.13 3.81
C ALA A 186 -4.40 32.79 4.38
N VAL A 187 -5.71 32.60 4.41
CA VAL A 187 -6.33 31.35 4.80
C VAL A 187 -7.26 30.92 3.68
N LEU A 188 -7.05 29.70 3.17
CA LEU A 188 -8.03 29.09 2.26
C LEU A 188 -9.31 28.78 3.03
N GLN A 189 -10.36 29.52 2.74
CA GLN A 189 -11.63 29.34 3.43
C GLN A 189 -12.27 28.03 3.02
N SER A 190 -13.21 27.56 3.85
CA SER A 190 -13.87 26.29 3.61
C SER A 190 -14.59 26.27 2.27
N SER A 191 -15.08 27.43 1.82
CA SER A 191 -15.71 27.50 0.51
C SER A 191 -14.70 27.46 -0.63
N GLY A 192 -13.41 27.38 -0.32
CA GLY A 192 -12.39 27.35 -1.35
C GLY A 192 -11.87 28.69 -1.78
N LEU A 193 -12.27 29.77 -1.11
CA LEU A 193 -11.77 31.10 -1.39
C LEU A 193 -10.68 31.48 -0.39
N TYR A 194 -9.90 32.49 -0.75
CA TYR A 194 -8.81 32.99 0.08
C TYR A 194 -9.23 34.25 0.81
N SER A 195 -8.71 34.41 2.02
CA SER A 195 -8.89 35.64 2.77
C SER A 195 -7.59 35.98 3.50
N LEU A 196 -7.26 37.26 3.50
CA LEU A 196 -5.98 37.74 4.02
C LEU A 196 -6.22 39.00 4.84
N SER A 197 -5.23 39.35 5.66
CA SER A 197 -5.29 40.59 6.44
C SER A 197 -3.92 41.25 6.47
N SER A 198 -3.92 42.58 6.44
CA SER A 198 -2.70 43.36 6.55
C SER A 198 -2.93 44.46 7.57
N VAL A 199 -2.00 44.60 8.52
CA VAL A 199 -2.12 45.58 9.58
C VAL A 199 -0.85 46.42 9.63
N VAL A 200 -0.99 47.64 10.14
CA VAL A 200 0.12 48.54 10.36
C VAL A 200 -0.11 49.27 11.67
N THR A 201 0.94 49.42 12.47
CA THR A 201 0.84 50.11 13.75
C THR A 201 1.31 51.55 13.58
N VAL A 202 0.51 52.48 14.09
CA VAL A 202 0.65 53.89 13.73
C VAL A 202 0.71 54.70 15.02
N PRO A 203 1.16 55.97 14.96
CA PRO A 203 1.16 56.81 16.16
C PRO A 203 -0.25 57.03 16.69
N SER A 204 -0.41 56.90 18.01
CA SER A 204 -1.72 57.06 18.62
C SER A 204 -2.26 58.47 18.54
N SER A 205 -1.43 59.44 18.15
CA SER A 205 -1.86 60.81 17.95
C SER A 205 -1.80 61.22 16.47
N SER A 206 -0.65 61.07 15.83
CA SER A 206 -0.47 61.50 14.44
C SER A 206 -0.95 60.44 13.45
N GLY A 208 -4.33 63.35 14.55
CA GLY A 208 -5.64 63.39 13.94
C GLY A 208 -5.62 63.23 12.44
N THR A 209 -4.80 64.04 11.76
CA THR A 209 -4.71 64.00 10.30
C THR A 209 -3.75 62.90 9.83
N GLN A 210 -3.98 61.67 10.31
CA GLN A 210 -3.11 60.56 9.94
C GLN A 210 -3.19 60.26 8.44
N THR A 211 -4.41 60.29 7.89
CA THR A 211 -4.62 60.12 6.45
C THR A 211 -4.14 58.75 5.96
N TYR A 212 -4.73 57.71 6.52
CA TYR A 212 -4.30 56.33 6.28
C TYR A 212 -5.29 55.65 5.35
N ILE A 213 -4.82 55.27 4.16
CA ILE A 213 -5.62 54.54 3.19
C ILE A 213 -4.78 53.40 2.62
N CYS A 214 -5.27 52.18 2.73
CA CYS A 214 -4.55 51.02 2.24
C CYS A 214 -4.91 50.73 0.79
N ASN A 215 -3.95 50.15 0.06
CA ASN A 215 -4.11 49.86 -1.36
C ASN A 215 -3.82 48.40 -1.60
N VAL A 216 -4.78 47.70 -2.21
CA VAL A 216 -4.63 46.30 -2.58
C VAL A 216 -4.83 46.17 -4.07
N ASN A 217 -3.90 45.50 -4.75
CA ASN A 217 -4.01 45.24 -6.17
C ASN A 217 -4.12 43.75 -6.41
N HIS A 218 -4.95 43.37 -7.37
CA HIS A 218 -5.22 41.98 -7.72
C HIS A 218 -5.07 41.86 -9.23
N LYS A 219 -3.83 41.62 -9.68
CA LYS A 219 -3.57 41.47 -11.11
C LYS A 219 -4.42 40.39 -11.78
N PRO A 220 -4.64 39.20 -11.19
CA PRO A 220 -5.47 38.19 -11.87
C PRO A 220 -6.88 38.66 -12.18
N SER A 221 -7.43 39.57 -11.38
CA SER A 221 -8.74 40.13 -11.66
C SER A 221 -8.68 41.55 -12.18
N ASN A 222 -7.47 42.11 -12.34
CA ASN A 222 -7.30 43.53 -12.66
C ASN A 222 -8.05 44.41 -11.66
N THR A 223 -7.97 44.03 -10.39
CA THR A 223 -8.71 44.69 -9.33
C THR A 223 -7.79 45.59 -8.52
N LYS A 224 -8.20 46.84 -8.33
CA LYS A 224 -7.43 47.84 -7.58
C LYS A 224 -8.40 48.65 -6.73
N VAL A 225 -8.13 48.71 -5.42
CA VAL A 225 -9.02 49.40 -4.48
C VAL A 225 -8.17 50.04 -3.38
N ASP A 226 -8.61 51.20 -2.92
CA ASP A 226 -8.01 51.90 -1.77
C ASP A 226 -9.09 52.15 -0.71
N LYS A 227 -8.72 52.00 0.56
CA LYS A 227 -9.66 52.11 1.67
C LYS A 227 -9.19 53.19 2.63
N ARG A 228 -9.90 54.32 2.65
CA ARG A 228 -9.57 55.39 3.58
C ARG A 228 -10.03 55.01 4.98
N VAL A 229 -9.30 54.09 5.61
CA VAL A 229 -9.66 53.64 6.96
C VAL A 229 -9.53 54.80 7.93
N GLU A 230 -10.53 54.95 8.79
CA GLU A 230 -10.61 56.08 9.71
C GLU A 230 -10.88 55.57 11.13
N PRO A 231 -10.47 56.35 12.15
CA PRO A 231 -10.76 55.97 13.54
C PRO A 231 -12.19 55.57 13.80
N LYS A 232 -13.13 56.45 13.46
CA LYS A 232 -14.57 56.16 13.57
C LYS A 232 -14.95 55.81 15.01
N TYR B 2 0.77 4.66 6.83
CA TYR B 2 2.21 4.87 6.64
C TYR B 2 3.01 3.64 6.96
N GLU B 3 3.64 3.05 5.94
CA GLU B 3 4.60 1.99 6.19
C GLU B 3 5.81 2.55 6.94
N LEU B 4 6.09 3.83 6.76
CA LEU B 4 7.17 4.50 7.48
C LEU B 4 6.56 5.53 8.42
N THR B 5 6.95 5.46 9.69
CA THR B 5 6.33 6.25 10.74
C THR B 5 7.39 7.13 11.41
N GLN B 6 7.06 8.41 11.57
CA GLN B 6 7.97 9.41 12.10
C GLN B 6 7.26 10.19 13.21
N GLU B 7 8.05 10.71 14.15
CA GLU B 7 7.49 11.58 15.18
C GLU B 7 6.86 12.80 14.52
N THR B 8 5.68 13.19 14.97
CA THR B 8 5.04 14.35 14.37
C THR B 8 5.90 15.60 14.48
N GLY B 9 6.53 15.80 15.63
CA GLY B 9 7.39 16.96 15.82
C GLY B 9 8.29 16.74 17.00
N VAL B 10 9.43 17.43 16.99
CA VAL B 10 10.50 17.23 17.94
C VAL B 10 11.17 18.59 18.15
N SER B 11 11.60 18.87 19.37
CA SER B 11 12.18 20.15 19.72
C SER B 11 13.55 19.96 20.35
N VAL B 12 14.39 20.98 20.28
CA VAL B 12 15.80 20.84 20.66
C VAL B 12 16.39 22.22 20.86
N ALA B 13 17.48 22.29 21.60
CA ALA B 13 18.11 23.55 21.97
C ALA B 13 19.37 23.75 21.14
N LEU B 14 19.74 25.02 20.98
CA LEU B 14 20.92 25.36 20.21
C LEU B 14 22.12 24.62 20.77
N GLY B 15 22.88 23.97 19.89
CA GLY B 15 24.08 23.25 20.28
C GLY B 15 23.84 21.87 20.83
N ARG B 16 22.59 21.50 21.10
CA ARG B 16 22.30 20.19 21.64
C ARG B 16 22.05 19.17 20.51
N THR B 17 22.03 17.90 20.89
CA THR B 17 21.99 16.77 19.97
C THR B 17 20.59 16.20 19.95
N VAL B 18 20.06 15.93 18.75
CA VAL B 18 18.72 15.38 18.62
C VAL B 18 18.78 14.21 17.65
N THR B 19 17.87 13.25 17.82
CA THR B 19 17.74 12.10 16.92
C THR B 19 16.29 11.97 16.47
N ILE B 20 16.08 11.79 15.16
CA ILE B 20 14.78 11.55 14.58
C ILE B 20 14.75 10.11 14.10
N THR B 21 13.63 9.43 14.30
CA THR B 21 13.55 8.04 13.87
C THR B 21 12.43 7.85 12.87
N CYS B 22 12.63 6.84 12.04
CA CYS B 22 11.70 6.35 11.05
C CYS B 22 11.54 4.85 11.29
N ARG B 23 10.30 4.38 11.39
CA ARG B 23 10.01 2.99 11.76
C ARG B 23 9.15 2.33 10.70
N GLY B 24 9.54 1.13 10.28
CA GLY B 24 8.77 0.39 9.28
C GLY B 24 9.39 -0.98 9.05
N ASP B 25 8.55 -1.88 8.53
CA ASP B 25 9.01 -3.24 8.30
C ASP B 25 10.00 -3.33 7.14
N SER B 26 9.85 -2.47 6.13
CA SER B 26 10.79 -2.48 5.03
C SER B 26 12.19 -2.10 5.47
N LEU B 27 12.30 -1.31 6.55
CA LEU B 27 13.61 -0.90 7.04
C LEU B 27 14.42 -2.05 7.59
N ARG B 28 13.81 -3.20 7.85
CA ARG B 28 14.60 -4.34 8.25
C ARG B 28 15.32 -4.97 7.06
N SER B 29 14.91 -4.65 5.83
CA SER B 29 15.59 -5.16 4.66
C SER B 29 16.09 -4.07 3.72
N HIS B 30 15.74 -2.81 3.95
CA HIS B 30 16.14 -1.71 3.08
C HIS B 30 16.61 -0.53 3.90
N TYR B 31 17.67 0.11 3.43
CA TYR B 31 18.14 1.33 4.06
C TYR B 31 17.20 2.48 3.71
N ALA B 32 17.41 3.59 4.40
CA ALA B 32 16.56 4.74 4.22
C ALA B 32 17.44 5.94 3.93
N SER B 33 16.85 6.94 3.25
CA SER B 33 17.49 8.21 3.03
C SER B 33 16.69 9.31 3.70
N TRP B 34 17.34 10.43 3.97
CA TRP B 34 16.74 11.52 4.72
C TRP B 34 16.82 12.83 3.95
N TYR B 35 15.76 13.63 4.05
CA TYR B 35 15.69 14.91 3.36
C TYR B 35 15.24 15.99 4.32
N GLN B 36 15.81 17.18 4.15
CA GLN B 36 15.44 18.37 4.89
C GLN B 36 14.59 19.25 3.98
N LYS B 37 13.51 19.81 4.51
CA LYS B 37 12.52 20.54 3.73
C LYS B 37 12.17 21.83 4.47
N LYS B 38 12.50 22.94 3.88
CA LYS B 38 12.15 24.20 4.52
C LYS B 38 11.04 24.91 3.73
N PRO B 39 10.24 25.74 4.39
CA PRO B 39 9.12 26.36 3.68
C PRO B 39 9.62 27.18 2.50
N GLY B 40 8.99 26.96 1.34
CA GLY B 40 9.37 27.65 0.12
C GLY B 40 10.65 27.18 -0.53
N GLN B 41 11.20 26.03 -0.13
CA GLN B 41 12.53 25.60 -0.57
C GLN B 41 12.50 24.14 -1.06
N ALA B 42 13.45 23.83 -1.93
CA ALA B 42 13.59 22.48 -2.43
C ALA B 42 14.15 21.57 -1.35
N PRO B 43 13.71 20.32 -1.27
CA PRO B 43 14.31 19.38 -0.32
C PRO B 43 15.80 19.23 -0.58
N ILE B 44 16.54 19.01 0.49
CA ILE B 44 17.97 18.75 0.40
C ILE B 44 18.23 17.35 0.94
N LEU B 45 18.81 16.49 0.10
CA LEU B 45 19.23 15.17 0.54
C LEU B 45 20.35 15.29 1.56
N LEU B 46 20.23 14.56 2.68
CA LEU B 46 21.18 14.64 3.79
C LEU B 46 22.01 13.40 3.97
N PHE B 47 21.40 12.24 3.78
CA PHE B 47 21.98 10.98 4.18
C PHE B 47 21.22 9.85 3.51
N TYR B 48 21.94 8.80 3.12
CA TYR B 48 21.28 7.63 2.54
C TYR B 48 22.17 6.41 2.74
N GLY B 49 21.58 5.23 2.61
CA GLY B 49 22.37 4.00 2.69
C GLY B 49 22.91 3.71 4.09
N LYS B 50 24.03 2.97 4.13
CA LYS B 50 24.67 2.68 5.41
C LYS B 50 25.26 3.94 6.03
N ASN B 51 26.21 4.56 5.34
CA ASN B 51 26.93 5.71 5.90
C ASN B 51 27.24 6.74 4.82
N ASN B 52 26.26 7.06 3.96
CA ASN B 52 26.48 7.94 2.80
C ASN B 52 25.92 9.33 3.06
N ARG B 53 26.82 10.29 3.20
CA ARG B 53 26.48 11.70 3.37
C ARG B 53 26.97 12.47 2.15
N PRO B 54 26.08 13.07 1.36
CA PRO B 54 26.51 13.77 0.16
C PRO B 54 27.50 14.88 0.45
N SER B 55 28.45 15.06 -0.46
CA SER B 55 29.34 16.21 -0.38
C SER B 55 28.53 17.49 -0.31
N GLY B 56 28.79 18.30 0.73
CA GLY B 56 28.07 19.53 0.96
C GLY B 56 27.20 19.51 2.19
N VAL B 57 26.69 18.35 2.57
CA VAL B 57 25.91 18.23 3.81
C VAL B 57 26.87 18.34 5.00
N PRO B 58 26.54 19.14 6.02
CA PRO B 58 27.42 19.24 7.19
C PRO B 58 27.55 17.90 7.92
N ASP B 59 28.72 17.71 8.55
CA ASP B 59 29.03 16.47 9.27
C ASP B 59 28.23 16.30 10.54
N ARG B 60 27.59 17.36 11.05
CA ARG B 60 26.69 17.22 12.19
C ARG B 60 25.50 16.33 11.85
N PHE B 61 25.25 16.05 10.58
CA PHE B 61 24.19 15.14 10.15
C PHE B 61 24.76 13.73 10.00
N SER B 62 24.08 12.74 10.57
CA SER B 62 24.51 11.35 10.48
C SER B 62 23.31 10.42 10.54
N GLY B 63 23.46 9.24 9.93
CA GLY B 63 22.41 8.24 9.89
C GLY B 63 22.77 6.95 10.60
N SER B 64 21.75 6.15 10.91
CA SER B 64 21.95 4.81 11.46
C SER B 64 20.69 3.99 11.23
N ALA B 65 20.85 2.69 11.16
CA ALA B 65 19.72 1.80 11.01
C ALA B 65 19.86 0.67 12.00
N SER B 66 18.73 0.11 12.41
CA SER B 66 18.71 -1.03 13.31
C SER B 66 17.31 -1.62 13.35
N GLY B 67 17.21 -2.93 13.12
CA GLY B 67 15.91 -3.57 13.12
C GLY B 67 15.01 -2.99 12.06
N ASN B 68 13.80 -2.61 12.48
CA ASN B 68 12.81 -1.94 11.64
C ASN B 68 12.86 -0.43 11.77
N ARG B 69 13.98 0.10 12.24
CA ARG B 69 14.06 1.49 12.65
C ARG B 69 15.29 2.11 11.99
N ALA B 70 15.06 3.17 11.21
CA ALA B 70 16.12 4.02 10.70
C ALA B 70 16.11 5.32 11.49
N SER B 71 17.28 5.94 11.65
CA SER B 71 17.30 7.14 12.46
C SER B 71 18.34 8.10 11.95
N LEU B 72 18.05 9.40 12.10
CA LEU B 72 18.94 10.50 11.77
C LEU B 72 19.26 11.33 13.01
N THR B 73 20.52 11.74 13.15
CA THR B 73 21.00 12.45 14.33
C THR B 73 21.72 13.73 13.92
N ILE B 74 21.47 14.80 14.66
CA ILE B 74 22.10 16.10 14.44
C ILE B 74 22.89 16.44 15.69
N SER B 75 24.17 16.78 15.51
CA SER B 75 25.09 16.93 16.63
C SER B 75 25.56 18.37 16.69
N GLY B 76 25.02 19.13 17.63
CA GLY B 76 25.23 20.56 17.63
C GLY B 76 24.22 21.21 16.72
N ALA B 77 22.94 21.06 17.08
CA ALA B 77 21.87 21.62 16.27
C ALA B 77 21.98 23.14 16.16
N GLN B 78 21.60 23.67 15.01
CA GLN B 78 21.72 25.10 14.70
C GLN B 78 20.38 25.61 14.22
N ALA B 79 20.26 26.92 14.09
CA ALA B 79 18.97 27.48 13.71
C ALA B 79 18.64 27.18 12.25
N GLU B 80 19.66 26.97 11.40
CA GLU B 80 19.37 26.58 10.04
C GLU B 80 18.79 25.18 9.96
N ASP B 81 18.97 24.36 10.99
CA ASP B 81 18.44 23.00 10.98
C ASP B 81 16.96 22.94 11.35
N ASP B 82 16.39 24.05 11.83
CA ASP B 82 14.96 24.24 12.06
C ASP B 82 14.24 24.06 10.73
N ALA B 83 13.58 22.92 10.57
CA ALA B 83 13.11 22.50 9.24
C ALA B 83 12.17 21.31 9.42
N GLU B 84 11.81 20.70 8.31
CA GLU B 84 11.02 19.48 8.34
C GLU B 84 11.85 18.36 7.74
N TYR B 85 11.71 17.15 8.26
CA TYR B 85 12.62 16.05 7.95
C TYR B 85 11.80 14.84 7.52
N TYR B 86 12.16 14.27 6.37
CA TYR B 86 11.44 13.17 5.78
C TYR B 86 12.38 12.01 5.58
N CYS B 87 11.91 10.79 5.88
CA CYS B 87 12.67 9.60 5.48
C CYS B 87 12.03 8.97 4.23
N SER B 88 12.83 8.19 3.53
CA SER B 88 12.34 7.47 2.36
C SER B 88 12.95 6.08 2.32
N SER B 89 12.17 5.11 1.87
CA SER B 89 12.64 3.75 1.62
C SER B 89 11.59 3.05 0.77
N ARG B 90 11.82 1.76 0.48
CA ARG B 90 10.81 0.97 -0.21
C ARG B 90 9.60 0.77 0.69
N ASP B 91 8.44 0.51 0.07
CA ASP B 91 7.26 0.22 0.87
C ASP B 91 7.32 -1.18 1.47
N LYS B 92 7.56 -2.19 0.64
CA LYS B 92 7.65 -3.57 1.06
C LYS B 92 9.06 -4.08 0.78
N SER B 93 9.35 -5.28 1.26
CA SER B 93 10.62 -5.91 0.94
C SER B 93 10.59 -6.38 -0.52
N GLY B 94 11.54 -5.91 -1.32
CA GLY B 94 11.63 -6.30 -2.70
C GLY B 94 10.85 -5.45 -3.67
N SER B 95 10.46 -4.26 -3.27
CA SER B 95 9.54 -3.45 -4.03
C SER B 95 10.27 -2.45 -4.91
N ARG B 96 9.77 -2.25 -6.14
CA ARG B 96 10.25 -1.19 -7.01
C ARG B 96 9.62 0.16 -6.71
N LEU B 97 8.63 0.23 -5.83
CA LEU B 97 8.02 1.49 -5.45
C LEU B 97 8.75 2.09 -4.25
N SER B 98 8.50 3.39 -4.03
CA SER B 98 9.13 4.14 -2.94
C SER B 98 8.06 4.88 -2.15
N VAL B 99 8.37 5.18 -0.88
CA VAL B 99 7.44 5.92 -0.03
C VAL B 99 8.19 6.88 0.87
N PHE B 100 7.50 7.93 1.29
CA PHE B 100 8.01 8.89 2.25
C PHE B 100 7.28 8.73 3.58
N GLY B 101 7.99 9.02 4.66
CA GLY B 101 7.36 9.09 5.95
C GLY B 101 6.56 10.36 6.11
N GLY B 102 5.79 10.42 7.20
CA GLY B 102 4.93 11.56 7.43
C GLY B 102 5.68 12.86 7.58
N GLY B 103 6.91 12.80 8.07
CA GLY B 103 7.73 13.97 8.32
C GLY B 103 7.80 14.31 9.80
N THR B 104 8.90 14.93 10.19
CA THR B 104 9.13 15.37 11.56
C THR B 104 9.50 16.85 11.53
N LYS B 105 8.68 17.68 12.16
CA LYS B 105 9.02 19.09 12.30
C LYS B 105 10.04 19.23 13.42
N LEU B 106 11.24 19.70 13.09
CA LEU B 106 12.28 19.93 14.06
C LEU B 106 12.28 21.40 14.45
N THR B 107 12.13 21.68 15.74
CA THR B 107 12.20 23.04 16.25
C THR B 107 13.50 23.18 17.03
N VAL B 108 14.40 24.00 16.51
CA VAL B 108 15.62 24.37 17.21
C VAL B 108 15.33 25.65 17.97
N LEU B 109 15.25 25.54 19.29
CA LEU B 109 14.92 26.69 20.13
C LEU B 109 16.09 27.65 20.19
N SER B 110 16.15 28.56 19.21
CA SER B 110 17.29 29.44 19.00
C SER B 110 17.05 30.84 19.52
N GLN B 111 15.91 31.10 20.13
CA GLN B 111 15.54 32.47 20.42
C GLN B 111 14.88 32.53 21.78
N PRO B 112 15.04 33.65 22.50
CA PRO B 112 14.29 33.82 23.75
C PRO B 112 12.79 33.80 23.49
N LYS B 113 12.07 33.19 24.42
CA LYS B 113 10.62 33.09 24.31
C LYS B 113 9.99 34.49 24.28
N ALA B 114 9.08 34.71 23.33
CA ALA B 114 8.38 35.97 23.17
C ALA B 114 6.88 35.71 23.20
N ALA B 115 6.18 36.47 24.05
CA ALA B 115 4.75 36.30 24.19
C ALA B 115 4.04 36.84 22.96
N PRO B 116 2.92 36.24 22.57
CA PRO B 116 2.23 36.70 21.36
C PRO B 116 1.54 38.04 21.61
N SER B 117 1.61 38.92 20.61
CA SER B 117 0.85 40.16 20.57
C SER B 117 -0.42 39.95 19.76
N VAL B 118 -1.57 40.24 20.36
CA VAL B 118 -2.88 39.85 19.85
C VAL B 118 -3.75 41.09 19.65
N THR B 119 -4.33 41.21 18.45
CA THR B 119 -5.28 42.27 18.14
C THR B 119 -6.57 41.65 17.64
N LEU B 120 -7.70 42.11 18.16
CA LEU B 120 -9.00 41.59 17.78
C LEU B 120 -9.84 42.73 17.22
N PHE B 121 -10.31 42.56 15.97
CA PHE B 121 -11.09 43.59 15.29
C PHE B 121 -12.54 43.15 15.17
N PRO B 122 -13.48 43.97 15.62
CA PRO B 122 -14.90 43.71 15.37
C PRO B 122 -15.25 43.87 13.91
N PRO B 123 -16.33 43.24 13.45
CA PRO B 123 -16.76 43.40 12.05
C PRO B 123 -16.97 44.87 11.69
N SER B 124 -16.51 45.24 10.48
CA SER B 124 -16.60 46.60 10.00
C SER B 124 -18.03 46.92 9.58
N SER B 125 -18.38 48.21 9.63
CA SER B 125 -19.74 48.58 9.23
C SER B 125 -19.96 48.33 7.74
N GLU B 126 -18.93 48.51 6.90
CA GLU B 126 -19.11 48.30 5.47
C GLU B 126 -19.48 46.85 5.18
N GLU B 127 -18.80 45.90 5.84
CA GLU B 127 -19.17 44.49 5.69
C GLU B 127 -20.59 44.24 6.19
N LEU B 128 -20.96 44.84 7.33
CA LEU B 128 -22.31 44.67 7.84
C LEU B 128 -23.33 45.24 6.86
N GLN B 129 -23.05 46.41 6.28
CA GLN B 129 -23.93 46.95 5.26
C GLN B 129 -23.94 46.09 4.00
N ALA B 130 -22.95 45.19 3.87
CA ALA B 130 -22.97 44.12 2.89
C ALA B 130 -23.49 42.81 3.49
N ASN B 131 -24.25 42.89 4.58
CA ASN B 131 -24.91 41.73 5.20
C ASN B 131 -23.95 40.58 5.47
N LYS B 132 -22.76 40.91 5.98
CA LYS B 132 -21.79 39.90 6.35
C LYS B 132 -21.01 40.39 7.56
N ALA B 133 -20.43 39.44 8.29
CA ALA B 133 -19.64 39.75 9.46
C ALA B 133 -18.47 38.78 9.55
N THR B 134 -17.35 39.27 10.11
CA THR B 134 -16.20 38.43 10.38
C THR B 134 -15.33 39.09 11.44
N LEU B 135 -15.01 38.36 12.49
CA LEU B 135 -14.07 38.81 13.50
C LEU B 135 -12.66 38.38 13.09
N VAL B 136 -11.67 39.21 13.44
CA VAL B 136 -10.30 39.06 12.95
C VAL B 136 -9.34 39.14 14.12
N CYS B 137 -8.68 38.01 14.42
CA CYS B 137 -7.65 37.94 15.45
C CYS B 137 -6.30 37.81 14.76
N LEU B 138 -5.35 38.67 15.12
CA LEU B 138 -4.06 38.73 14.44
C LEU B 138 -2.94 38.58 15.47
N ILE B 139 -2.35 37.39 15.51
CA ILE B 139 -1.33 37.00 16.47
C ILE B 139 0.03 37.16 15.82
N SER B 140 0.94 37.88 16.48
N SER B 140 0.93 37.89 16.47
CA SER B 140 2.20 38.25 15.89
CA SER B 140 2.22 38.20 15.86
C SER B 140 3.28 38.27 16.94
C SER B 140 3.29 38.27 16.94
N ASP B 141 4.53 38.14 16.48
CA ASP B 141 5.72 38.35 17.32
C ASP B 141 5.82 37.36 18.48
N PHE B 142 5.39 36.12 18.28
CA PHE B 142 5.58 35.10 19.30
C PHE B 142 6.67 34.13 18.87
N TYR B 143 7.37 33.58 19.88
CA TYR B 143 8.37 32.55 19.69
C TYR B 143 8.33 31.67 20.94
N PRO B 144 8.35 30.35 20.79
CA PRO B 144 8.29 29.57 19.53
C PRO B 144 6.87 29.52 18.97
N GLY B 145 6.71 29.07 17.74
CA GLY B 145 5.43 29.07 17.07
C GLY B 145 4.48 27.96 17.46
N ALA B 146 4.09 27.95 18.73
CA ALA B 146 3.09 27.03 19.23
C ALA B 146 1.93 27.89 19.74
N VAL B 147 0.96 28.16 18.88
CA VAL B 147 -0.24 28.88 19.28
C VAL B 147 -1.47 28.03 19.00
N THR B 148 -2.38 28.04 19.96
CA THR B 148 -3.73 27.51 19.80
C THR B 148 -4.68 28.68 20.06
N VAL B 149 -5.68 28.83 19.20
CA VAL B 149 -6.62 29.94 19.29
C VAL B 149 -8.00 29.39 19.62
N ALA B 150 -8.62 29.96 20.64
CA ALA B 150 -9.96 29.57 21.07
C ALA B 150 -10.87 30.79 21.08
N TRP B 151 -12.11 30.62 20.61
CA TRP B 151 -13.07 31.72 20.63
C TRP B 151 -14.17 31.53 21.68
N SER B 155 -19.17 34.58 27.54
CA SER B 155 -18.04 33.74 27.98
C SER B 155 -18.36 32.26 27.82
N SER B 156 -18.91 31.89 26.66
CA SER B 156 -19.28 30.51 26.40
C SER B 156 -18.11 29.79 25.72
N PRO B 157 -17.56 28.71 26.32
CA PRO B 157 -16.41 28.03 25.70
C PRO B 157 -16.79 27.21 24.48
N VAL B 158 -17.54 27.82 23.56
CA VAL B 158 -17.92 27.19 22.31
C VAL B 158 -17.52 28.11 21.16
N LYS B 159 -17.24 27.50 20.01
CA LYS B 159 -16.76 28.26 18.84
C LYS B 159 -17.01 27.45 17.59
N ALA B 160 -17.82 27.99 16.67
CA ALA B 160 -18.12 27.34 15.41
C ALA B 160 -17.95 28.32 14.26
N GLY B 161 -17.52 27.80 13.12
CA GLY B 161 -17.19 28.64 11.97
C GLY B 161 -15.84 29.33 12.08
N VAL B 162 -14.83 28.61 12.55
CA VAL B 162 -13.50 29.19 12.75
C VAL B 162 -12.58 28.73 11.65
N GLU B 163 -11.61 29.57 11.32
CA GLU B 163 -10.59 29.27 10.31
C GLU B 163 -9.30 29.97 10.73
N THR B 164 -8.29 29.17 11.06
CA THR B 164 -7.04 29.66 11.63
C THR B 164 -5.87 29.31 10.71
N THR B 165 -4.95 30.26 10.57
CA THR B 165 -3.82 30.07 9.69
C THR B 165 -2.71 29.30 10.40
N THR B 166 -1.85 28.66 9.60
CA THR B 166 -0.65 28.05 10.14
C THR B 166 0.34 29.15 10.56
N PRO B 167 1.06 28.96 11.67
CA PRO B 167 2.08 29.95 12.05
C PRO B 167 3.10 30.15 10.94
N SER B 168 3.63 31.36 10.86
CA SER B 168 4.50 31.74 9.77
C SER B 168 5.57 32.69 10.30
N LYS B 169 6.80 32.50 9.85
CA LYS B 169 7.93 33.26 10.37
C LYS B 169 7.98 34.65 9.74
N GLN B 170 8.39 35.63 10.53
CA GLN B 170 8.49 37.01 10.10
C GLN B 170 9.95 37.37 9.84
N SER B 171 10.16 38.62 9.40
CA SER B 171 11.52 39.14 9.29
C SER B 171 12.20 39.19 10.65
N ASN B 172 11.43 39.42 11.71
CA ASN B 172 11.97 39.34 13.07
C ASN B 172 12.38 37.93 13.43
N ASN B 173 12.12 36.96 12.56
CA ASN B 173 12.29 35.52 12.81
C ASN B 173 11.42 35.01 13.95
N LYS B 174 10.54 35.83 14.50
CA LYS B 174 9.45 35.34 15.32
C LYS B 174 8.36 34.84 14.39
N TYR B 175 7.20 34.51 14.94
CA TYR B 175 6.14 33.90 14.15
C TYR B 175 4.86 34.72 14.26
N ALA B 176 3.98 34.50 13.29
CA ALA B 176 2.70 35.18 13.25
C ALA B 176 1.63 34.22 12.78
N ALA B 177 0.40 34.47 13.23
CA ALA B 177 -0.75 33.70 12.79
C ALA B 177 -1.99 34.57 12.87
N SER B 178 -3.09 34.06 12.32
CA SER B 178 -4.33 34.81 12.27
C SER B 178 -5.49 33.84 12.31
N SER B 179 -6.58 34.24 12.96
CA SER B 179 -7.79 33.44 13.09
C SER B 179 -8.99 34.26 12.69
N TYR B 180 -9.85 33.70 11.82
CA TYR B 180 -11.02 34.41 11.32
C TYR B 180 -12.28 33.68 11.76
N LEU B 181 -13.16 34.36 12.49
CA LEU B 181 -14.46 33.84 12.88
C LEU B 181 -15.55 34.57 12.10
N SER B 182 -16.22 33.86 11.21
CA SER B 182 -17.34 34.43 10.48
C SER B 182 -18.61 34.36 11.33
N LEU B 183 -19.53 35.29 11.07
CA LEU B 183 -20.79 35.33 11.79
C LEU B 183 -21.82 36.03 10.91
N THR B 184 -23.11 35.78 11.18
CA THR B 184 -23.98 36.68 10.42
C THR B 184 -24.26 37.93 11.25
N PRO B 185 -24.63 39.03 10.61
CA PRO B 185 -24.82 40.28 11.37
C PRO B 185 -25.80 40.14 12.51
N GLU B 186 -26.76 39.23 12.40
CA GLU B 186 -27.67 39.00 13.51
C GLU B 186 -26.99 38.22 14.63
N GLN B 187 -26.12 37.27 14.28
CA GLN B 187 -25.41 36.52 15.32
C GLN B 187 -24.55 37.44 16.18
N TRP B 188 -23.88 38.41 15.55
CA TRP B 188 -23.04 39.32 16.32
C TRP B 188 -23.88 40.08 17.36
N LYS B 189 -25.07 40.55 16.97
CA LYS B 189 -25.96 41.16 17.96
C LYS B 189 -26.61 40.10 18.87
N SER B 190 -26.82 38.89 18.34
CA SER B 190 -27.53 37.86 19.12
C SER B 190 -26.74 37.42 20.34
N HIS B 191 -25.42 37.25 20.21
CA HIS B 191 -24.59 36.81 21.31
C HIS B 191 -24.08 38.00 22.11
N ARG B 192 -23.84 37.75 23.41
CA ARG B 192 -23.44 38.83 24.31
C ARG B 192 -22.14 39.48 23.85
N SER B 193 -21.15 38.66 23.49
CA SER B 193 -19.84 39.15 23.06
C SER B 193 -19.06 37.96 22.55
N TYR B 194 -18.02 38.25 21.76
CA TYR B 194 -17.13 37.23 21.23
C TYR B 194 -15.71 37.51 21.67
N SER B 195 -14.95 36.43 21.89
CA SER B 195 -13.69 36.48 22.61
C SER B 195 -12.64 35.66 21.88
N CYS B 196 -11.42 36.20 21.82
CA CYS B 196 -10.29 35.51 21.18
C CYS B 196 -9.29 35.16 22.27
N GLN B 197 -9.20 33.87 22.59
CA GLN B 197 -8.24 33.36 23.57
C GLN B 197 -7.19 32.55 22.83
N VAL B 198 -5.92 32.93 22.98
CA VAL B 198 -4.80 32.28 22.32
C VAL B 198 -3.80 31.80 23.37
N THR B 199 -3.40 30.54 23.27
CA THR B 199 -2.47 29.96 24.23
C THR B 199 -1.11 29.74 23.58
N HIS B 200 -0.07 30.27 24.22
CA HIS B 200 1.32 30.11 23.78
C HIS B 200 2.15 29.81 25.01
N GLU B 201 2.68 28.58 25.08
CA GLU B 201 3.49 28.13 26.20
C GLU B 201 2.68 28.11 27.49
N GLY B 202 1.46 27.57 27.39
CA GLY B 202 0.59 27.39 28.55
C GLY B 202 0.21 28.67 29.25
N THR B 204 -2.42 32.35 29.06
CA THR B 204 -3.27 32.46 27.87
C THR B 204 -3.75 33.89 27.70
N VAL B 205 -3.17 34.61 26.74
CA VAL B 205 -3.59 35.97 26.47
C VAL B 205 -4.91 35.94 25.71
N GLU B 206 -5.92 36.64 26.24
CA GLU B 206 -7.25 36.61 25.68
C GLU B 206 -7.71 38.04 25.41
N LYS B 207 -8.48 38.21 24.33
CA LYS B 207 -9.01 39.51 23.97
C LYS B 207 -10.45 39.35 23.50
N THR B 208 -11.26 40.37 23.77
CA THR B 208 -12.71 40.31 23.61
C THR B 208 -13.22 41.51 22.82
N VAL B 209 -14.35 41.31 22.13
CA VAL B 209 -14.97 42.36 21.32
C VAL B 209 -16.49 42.34 21.52
N ALA B 210 -17.10 43.55 21.59
CA ALA B 210 -18.51 43.70 21.92
C ALA B 210 -19.33 44.18 20.73
N PRO B 211 -20.58 43.69 20.58
CA PRO B 211 -21.43 44.09 19.46
C PRO B 211 -21.62 45.61 19.32
N THR B 212 -21.19 46.40 20.30
CA THR B 212 -21.27 47.85 20.24
C THR B 212 -20.69 48.40 18.94
N GLY C 3 55.91 -6.02 -13.98
CA GLY C 3 55.59 -6.69 -15.23
C GLY C 3 54.66 -7.88 -15.07
N ASN C 4 54.11 -8.03 -13.87
CA ASN C 4 53.10 -9.05 -13.62
C ASN C 4 51.73 -8.52 -14.06
N VAL C 5 50.70 -9.37 -13.91
CA VAL C 5 49.38 -9.08 -14.48
C VAL C 5 48.83 -7.77 -13.93
N SER C 6 48.16 -7.01 -14.79
CA SER C 6 47.58 -5.71 -14.45
C SER C 6 46.08 -5.73 -14.71
N GLN C 7 45.35 -4.92 -13.92
CA GLN C 7 43.89 -4.89 -13.96
C GLN C 7 43.32 -4.86 -15.38
N GLU C 8 43.85 -3.98 -16.23
CA GLU C 8 43.34 -3.88 -17.60
C GLU C 8 43.42 -5.21 -18.33
N ASP C 9 44.48 -5.99 -18.07
CA ASP C 9 44.64 -7.26 -18.76
C ASP C 9 43.53 -8.26 -18.40
N ILE C 10 43.23 -8.43 -17.12
CA ILE C 10 42.18 -9.38 -16.73
C ILE C 10 40.85 -8.98 -17.34
N ILE C 11 40.49 -7.71 -17.24
CA ILE C 11 39.20 -7.25 -17.76
C ILE C 11 39.14 -7.46 -19.27
N ARG C 12 40.23 -7.14 -19.97
CA ARG C 12 40.24 -7.36 -21.41
C ARG C 12 40.18 -8.85 -21.72
N ALA C 13 40.99 -9.64 -21.02
CA ALA C 13 40.93 -11.08 -21.20
C ALA C 13 39.52 -11.60 -20.95
N LEU C 14 38.92 -11.19 -19.83
CA LEU C 14 37.62 -11.74 -19.47
C LEU C 14 36.56 -11.34 -20.48
N ALA C 15 36.64 -10.12 -21.00
CA ALA C 15 35.66 -9.62 -21.93
C ALA C 15 35.77 -10.23 -23.33
N GLU C 16 36.94 -10.74 -23.71
CA GLU C 16 37.11 -11.21 -25.09
C GLU C 16 36.05 -12.23 -25.51
N PRO C 17 35.79 -13.31 -24.75
CA PRO C 17 34.75 -14.25 -25.21
C PRO C 17 33.36 -13.65 -25.21
N LEU C 18 33.10 -12.70 -24.32
CA LEU C 18 31.83 -11.98 -24.36
C LEU C 18 31.74 -11.12 -25.61
N ILE C 19 32.84 -10.49 -25.99
CA ILE C 19 32.87 -9.75 -27.24
C ILE C 19 32.70 -10.73 -28.40
N ASP C 20 33.49 -11.80 -28.40
CA ASP C 20 33.48 -12.73 -29.52
C ASP C 20 32.10 -13.35 -29.72
N ASP C 21 31.37 -13.58 -28.62
CA ASP C 21 30.10 -14.25 -28.70
C ASP C 21 28.92 -13.30 -28.86
N GLY C 22 29.15 -12.00 -28.78
CA GLY C 22 28.11 -11.02 -29.01
C GLY C 22 27.30 -10.61 -27.80
N MET C 23 27.77 -10.88 -26.59
CA MET C 23 26.99 -10.52 -25.41
C MET C 23 27.16 -9.05 -25.04
N VAL C 24 28.30 -8.46 -25.41
CA VAL C 24 28.59 -7.05 -25.17
C VAL C 24 29.21 -6.45 -26.41
N GLU C 25 29.25 -5.12 -26.44
CA GLU C 25 29.88 -4.42 -27.55
C GLU C 25 31.40 -4.51 -27.45
N LYS C 26 32.07 -4.20 -28.56
CA LYS C 26 33.53 -4.27 -28.60
C LYS C 26 34.16 -3.28 -27.62
N GLU C 27 33.60 -2.09 -27.48
CA GLU C 27 34.13 -1.09 -26.56
C GLU C 27 33.99 -1.47 -25.08
N PHE C 28 33.35 -2.61 -24.77
CA PHE C 28 32.81 -2.86 -23.44
C PHE C 28 33.89 -2.84 -22.36
N ALA C 29 35.08 -3.39 -22.65
CA ALA C 29 36.10 -3.50 -21.62
C ALA C 29 36.59 -2.13 -21.16
N ASP C 30 36.83 -1.21 -22.10
CA ASP C 30 37.33 0.11 -21.76
C ASP C 30 36.41 0.84 -20.78
N HIS C 31 35.11 0.55 -20.85
CA HIS C 31 34.20 1.18 -19.91
C HIS C 31 34.19 0.45 -18.57
N VAL C 32 34.33 -0.87 -18.59
CA VAL C 32 34.57 -1.60 -17.35
C VAL C 32 35.78 -1.03 -16.63
N ILE C 33 36.88 -0.81 -17.37
CA ILE C 33 38.09 -0.26 -16.78
C ILE C 33 37.83 1.14 -16.20
N GLU C 34 37.09 1.98 -16.93
CA GLU C 34 36.79 3.29 -16.39
C GLU C 34 36.03 3.16 -15.08
N ARG C 35 35.01 2.29 -15.06
CA ARG C 35 34.20 2.14 -13.85
C ARG C 35 35.04 1.64 -12.69
N GLU C 36 35.97 0.73 -12.96
CA GLU C 36 36.84 0.22 -11.90
C GLU C 36 37.69 1.32 -11.29
N LYS C 37 38.07 2.32 -12.08
CA LYS C 37 38.75 3.47 -11.51
C LYS C 37 37.82 4.25 -10.61
N GLN C 38 36.55 4.38 -11.01
CA GLN C 38 35.57 5.23 -10.33
C GLN C 38 34.76 4.48 -9.28
N THR C 39 34.21 3.31 -9.63
CA THR C 39 33.47 2.47 -8.69
C THR C 39 34.24 1.16 -8.57
N PRO C 40 35.19 1.08 -7.65
CA PRO C 40 35.96 -0.15 -7.47
C PRO C 40 35.08 -1.27 -6.94
N THR C 41 35.50 -2.50 -7.22
CA THR C 41 34.66 -3.67 -6.95
C THR C 41 35.44 -4.77 -6.24
N GLY C 42 36.47 -4.41 -5.47
CA GLY C 42 37.28 -5.40 -4.76
C GLY C 42 36.73 -5.77 -3.40
N LEU C 43 36.41 -7.05 -3.23
CA LEU C 43 35.66 -7.52 -2.06
C LEU C 43 36.53 -8.49 -1.27
N GLN C 44 36.95 -8.09 -0.07
CA GLN C 44 37.81 -8.95 0.78
C GLN C 44 37.01 -10.20 1.16
N ALA C 45 37.63 -11.37 1.09
CA ALA C 45 36.90 -12.62 1.38
C ALA C 45 37.79 -13.61 2.14
N GLU C 46 37.29 -14.83 2.41
CA GLU C 46 38.03 -15.78 3.30
C GLU C 46 39.30 -16.33 2.67
N PRO C 47 39.26 -17.24 1.66
CA PRO C 47 40.49 -17.81 1.13
C PRO C 47 41.27 -16.72 0.38
N VAL C 48 40.63 -16.12 -0.63
CA VAL C 48 41.31 -15.09 -1.46
C VAL C 48 40.35 -13.95 -1.76
N GLY C 49 40.89 -12.83 -2.27
CA GLY C 49 40.05 -11.66 -2.60
C GLY C 49 39.22 -11.85 -3.85
N VAL C 50 38.10 -11.13 -3.94
CA VAL C 50 37.21 -11.22 -5.10
C VAL C 50 36.98 -9.84 -5.69
N ALA C 51 36.79 -9.81 -7.01
CA ALA C 51 36.50 -8.59 -7.76
C ALA C 51 35.32 -8.84 -8.69
N ILE C 52 34.43 -7.86 -8.79
CA ILE C 52 33.31 -7.95 -9.71
C ILE C 52 33.32 -6.77 -10.67
N PRO C 53 34.20 -6.77 -11.67
CA PRO C 53 34.18 -5.69 -12.67
C PRO C 53 32.87 -5.69 -13.44
N HIS C 54 32.25 -4.52 -13.54
CA HIS C 54 30.98 -4.49 -14.26
C HIS C 54 30.61 -3.04 -14.56
N THR C 55 29.92 -2.84 -15.66
CA THR C 55 29.23 -1.56 -15.83
C THR C 55 27.85 -1.66 -15.18
N MET C 56 27.08 -0.56 -15.24
CA MET C 56 25.70 -0.55 -14.79
C MET C 56 24.72 -0.90 -15.92
N GLY C 57 25.17 -1.66 -16.94
CA GLY C 57 24.35 -2.05 -18.06
C GLY C 57 24.76 -1.45 -19.40
N GLU C 58 25.60 -0.42 -19.41
CA GLU C 58 26.00 0.20 -20.67
C GLU C 58 26.82 -0.78 -21.49
N TYR C 59 26.56 -0.83 -22.81
CA TYR C 59 27.31 -1.66 -23.75
C TYR C 59 27.06 -3.16 -23.57
N VAL C 60 26.07 -3.54 -22.77
CA VAL C 60 25.70 -4.95 -22.60
C VAL C 60 24.52 -5.24 -23.49
N ARG C 61 24.55 -6.38 -24.17
CA ARG C 61 23.46 -6.74 -25.06
C ARG C 61 22.71 -8.01 -24.68
N GLU C 62 23.36 -8.99 -24.07
CA GLU C 62 22.69 -10.15 -23.51
C GLU C 62 23.44 -10.53 -22.24
N ASN C 63 22.70 -10.80 -21.17
CA ASN C 63 23.33 -11.00 -19.88
C ASN C 63 24.25 -12.22 -19.89
N ALA C 64 25.47 -12.02 -19.42
CA ALA C 64 26.50 -13.05 -19.45
C ALA C 64 27.49 -12.82 -18.33
N ILE C 65 28.30 -13.84 -18.07
CA ILE C 65 29.30 -13.81 -17.01
C ILE C 65 30.58 -14.46 -17.54
N SER C 66 31.73 -13.92 -17.17
CA SER C 66 33.00 -14.60 -17.39
C SER C 66 33.79 -14.62 -16.10
N VAL C 67 34.52 -15.72 -15.87
CA VAL C 67 35.13 -16.00 -14.58
C VAL C 67 36.62 -16.22 -14.77
N GLY C 68 37.44 -15.57 -13.94
CA GLY C 68 38.88 -15.68 -14.08
C GLY C 68 39.65 -16.00 -12.80
N ILE C 69 40.59 -16.95 -12.90
CA ILE C 69 41.36 -17.43 -11.76
C ILE C 69 42.81 -17.01 -11.92
N LEU C 70 43.37 -16.43 -10.86
CA LEU C 70 44.72 -15.90 -10.88
C LEU C 70 45.58 -16.68 -9.88
N THR C 71 46.69 -17.24 -10.36
CA THR C 71 47.59 -18.01 -9.47
C THR C 71 48.30 -17.08 -8.49
N LYS C 72 48.74 -15.90 -8.95
CA LYS C 72 49.32 -14.84 -8.14
C LYS C 72 48.30 -13.74 -7.88
N PRO C 73 48.27 -13.18 -6.67
CA PRO C 73 47.25 -12.19 -6.35
C PRO C 73 47.51 -10.88 -7.07
N VAL C 74 46.41 -10.16 -7.33
CA VAL C 74 46.46 -8.86 -7.99
C VAL C 74 45.67 -7.85 -7.17
N ASN C 75 46.21 -6.64 -7.07
CA ASN C 75 45.59 -5.57 -6.30
C ASN C 75 44.43 -4.96 -7.07
N PHE C 76 43.22 -5.04 -6.50
CA PHE C 76 42.06 -4.28 -6.96
C PHE C 76 41.61 -3.39 -5.81
N THR C 77 41.48 -2.10 -6.07
CA THR C 77 41.01 -1.20 -5.03
C THR C 77 39.66 -1.66 -4.48
N GLY C 78 39.51 -1.60 -3.16
CA GLY C 78 38.37 -2.21 -2.52
C GLY C 78 37.05 -1.54 -2.87
N TRP C 79 36.02 -2.38 -3.03
CA TRP C 79 34.64 -1.91 -3.11
C TRP C 79 34.32 -0.99 -1.93
N TYR C 80 34.60 -1.46 -0.71
CA TYR C 80 34.49 -0.61 0.48
C TYR C 80 35.84 0.04 0.75
N GLN C 81 35.79 1.25 1.32
CA GLN C 81 37.02 2.00 1.57
C GLN C 81 37.75 1.40 2.76
N SER C 82 39.01 1.01 2.55
CA SER C 82 39.80 0.43 3.62
C SER C 82 41.24 0.89 3.64
N GLU C 83 41.65 1.77 2.72
CA GLU C 83 43.06 2.17 2.62
C GLU C 83 43.97 0.96 2.52
N GLU C 84 43.41 -0.15 2.04
CA GLU C 84 44.09 -1.43 1.92
C GLU C 84 43.63 -2.12 0.65
N PRO C 85 44.51 -2.26 -0.35
CA PRO C 85 44.11 -2.97 -1.58
C PRO C 85 43.79 -4.42 -1.29
N VAL C 86 42.90 -4.98 -2.11
CA VAL C 86 42.41 -6.34 -1.94
C VAL C 86 43.22 -7.26 -2.83
N PRO C 87 43.96 -8.24 -2.28
CA PRO C 87 44.58 -9.26 -3.12
C PRO C 87 43.57 -10.21 -3.73
N VAL C 88 43.38 -10.11 -5.04
CA VAL C 88 42.35 -10.86 -5.75
C VAL C 88 42.94 -12.06 -6.46
N ARG C 89 42.24 -13.19 -6.37
CA ARG C 89 42.55 -14.37 -7.16
C ARG C 89 41.34 -14.89 -7.91
N VAL C 90 40.14 -14.39 -7.63
CA VAL C 90 38.90 -14.77 -8.30
C VAL C 90 38.20 -13.51 -8.80
N VAL C 91 37.79 -13.49 -10.07
CA VAL C 91 37.18 -12.32 -10.68
C VAL C 91 35.90 -12.71 -11.42
N PHE C 92 34.79 -12.06 -11.06
CA PHE C 92 33.50 -12.28 -11.69
C PHE C 92 33.18 -11.06 -12.56
N MET C 93 33.33 -11.19 -13.87
CA MET C 93 32.94 -10.12 -14.77
C MET C 93 31.45 -10.22 -15.05
N LEU C 94 30.72 -9.14 -14.76
CA LEU C 94 29.28 -9.11 -14.96
C LEU C 94 28.93 -8.28 -16.18
N ALA C 95 28.08 -8.84 -17.04
CA ALA C 95 27.49 -8.12 -18.16
C ALA C 95 25.98 -8.27 -17.99
N ILE C 96 25.40 -7.37 -17.23
CA ILE C 96 23.98 -7.37 -16.90
C ILE C 96 23.42 -6.00 -17.24
N ARG C 97 22.20 -5.96 -17.76
CA ARG C 97 21.63 -4.72 -18.30
C ARG C 97 20.70 -4.01 -17.34
N ASN C 98 19.91 -4.76 -16.57
CA ASN C 98 18.85 -4.21 -15.72
C ASN C 98 19.36 -4.06 -14.30
N TRP C 99 19.30 -2.85 -13.75
CA TRP C 99 19.63 -2.66 -12.33
C TRP C 99 18.88 -3.63 -11.45
N PHE C 100 17.61 -3.85 -11.77
CA PHE C 100 16.85 -4.88 -11.08
C PHE C 100 17.50 -6.24 -11.24
N ASP C 101 17.88 -6.60 -12.47
CA ASP C 101 18.59 -7.84 -12.68
C ASP C 101 19.99 -7.81 -12.09
N ILE C 102 20.68 -6.67 -12.21
CA ILE C 102 21.98 -6.56 -11.56
C ILE C 102 21.86 -7.00 -10.11
N THR C 103 21.07 -6.27 -9.31
CA THR C 103 21.03 -6.51 -7.87
C THR C 103 20.79 -7.98 -7.54
N ASN C 104 19.94 -8.67 -8.31
CA ASN C 104 19.74 -10.10 -8.05
C ASN C 104 21.03 -10.87 -8.25
N VAL C 105 21.76 -10.57 -9.32
CA VAL C 105 22.98 -11.31 -9.59
C VAL C 105 24.07 -11.02 -8.54
N LEU C 106 24.19 -9.77 -8.03
CA LEU C 106 25.21 -9.59 -6.99
C LEU C 106 24.77 -10.25 -5.68
N ASN C 107 23.47 -10.26 -5.38
CA ASN C 107 23.00 -10.99 -4.20
C ASN C 107 23.34 -12.49 -4.31
N TRP C 108 23.14 -13.06 -5.50
CA TRP C 108 23.56 -14.45 -5.70
C TRP C 108 25.07 -14.57 -5.58
N ILE C 109 25.82 -13.59 -6.11
CA ILE C 109 27.27 -13.59 -6.02
C ILE C 109 27.71 -13.72 -4.57
N LYS C 110 27.08 -12.94 -3.69
CA LYS C 110 27.44 -12.97 -2.27
C LYS C 110 27.37 -14.38 -1.69
N ARG C 111 26.24 -15.07 -1.91
CA ARG C 111 26.07 -16.40 -1.34
C ARG C 111 27.20 -17.34 -1.76
N VAL C 112 27.67 -17.22 -3.00
CA VAL C 112 28.76 -18.05 -3.49
C VAL C 112 30.05 -17.74 -2.74
N ILE C 113 30.34 -16.46 -2.55
CA ILE C 113 31.58 -16.06 -1.89
C ILE C 113 31.61 -16.53 -0.45
N GLN C 114 30.46 -16.54 0.23
CA GLN C 114 30.43 -16.91 1.65
C GLN C 114 30.85 -18.36 1.88
N ASP C 115 30.73 -19.22 0.87
CA ASP C 115 31.27 -20.59 0.94
C ASP C 115 32.75 -20.54 0.61
N ARG C 116 33.60 -20.59 1.65
CA ARG C 116 35.03 -20.43 1.41
C ARG C 116 35.65 -21.65 0.72
N ASP C 117 35.21 -22.86 1.10
CA ASP C 117 35.80 -24.06 0.49
C ASP C 117 35.52 -24.14 -1.00
N PHE C 118 34.37 -23.64 -1.46
CA PHE C 118 34.16 -23.49 -2.90
C PHE C 118 35.26 -22.65 -3.52
N MET C 119 35.59 -21.51 -2.89
CA MET C 119 36.67 -20.67 -3.38
C MET C 119 37.99 -21.40 -3.34
N ARG C 120 38.24 -22.16 -2.26
CA ARG C 120 39.44 -22.99 -2.22
C ARG C 120 39.44 -23.99 -3.37
N ARG C 121 38.29 -24.60 -3.65
CA ARG C 121 38.19 -25.51 -4.79
C ARG C 121 38.46 -24.78 -6.10
N LEU C 122 37.78 -23.66 -6.33
CA LEU C 122 37.95 -22.93 -7.58
C LEU C 122 39.40 -22.52 -7.80
N LEU C 123 40.16 -22.35 -6.72
CA LEU C 123 41.56 -21.98 -6.86
C LEU C 123 42.40 -23.13 -7.40
N THR C 124 41.94 -24.37 -7.24
CA THR C 124 42.54 -25.55 -7.87
C THR C 124 41.40 -26.34 -8.52
N MET C 125 41.04 -25.99 -9.75
CA MET C 125 40.06 -26.72 -10.55
C MET C 125 40.30 -26.38 -12.01
N ASN C 126 39.79 -27.24 -12.89
CA ASN C 126 39.92 -27.07 -14.33
C ASN C 126 38.85 -26.13 -14.87
N ASP C 127 39.10 -25.62 -16.09
CA ASP C 127 38.09 -24.81 -16.76
C ASP C 127 36.75 -25.55 -16.86
N GLU C 128 36.79 -26.83 -17.22
CA GLU C 128 35.56 -27.63 -17.27
C GLU C 128 34.95 -27.81 -15.88
N GLU C 129 35.77 -28.06 -14.86
CA GLU C 129 35.23 -28.24 -13.51
C GLU C 129 34.56 -26.97 -13.01
N ILE C 130 35.20 -25.82 -13.20
CA ILE C 130 34.63 -24.56 -12.75
C ILE C 130 33.38 -24.24 -13.56
N TYR C 131 33.34 -24.65 -14.82
CA TYR C 131 32.16 -24.42 -15.65
C TYR C 131 30.94 -25.16 -15.08
N GLU C 132 31.02 -26.49 -15.02
CA GLU C 132 29.88 -27.27 -14.58
C GLU C 132 29.54 -27.02 -13.11
N GLU C 133 30.54 -26.66 -12.29
CA GLU C 133 30.25 -26.27 -10.91
C GLU C 133 29.47 -24.97 -10.86
N ILE C 134 29.94 -23.93 -11.56
CA ILE C 134 29.24 -22.65 -11.59
C ILE C 134 27.91 -22.78 -12.33
N TYR C 135 27.92 -23.48 -13.47
CA TYR C 135 26.68 -23.70 -14.22
C TYR C 135 25.59 -24.30 -13.32
N LYS C 136 25.97 -25.23 -12.44
CA LYS C 136 25.00 -25.83 -11.54
C LYS C 136 24.47 -24.80 -10.55
N LYS C 137 25.34 -23.95 -10.00
CA LYS C 137 24.92 -22.96 -9.03
C LYS C 137 23.98 -21.93 -9.65
N ILE C 138 24.20 -21.59 -10.92
CA ILE C 138 23.23 -20.78 -11.67
C ILE C 138 21.91 -21.52 -11.80
N LYS C 139 21.96 -22.81 -12.11
CA LYS C 139 20.75 -23.62 -12.17
C LYS C 139 20.04 -23.66 -10.81
N GLN C 140 20.80 -23.92 -9.73
CA GLN C 140 20.24 -24.04 -8.40
C GLN C 140 19.86 -22.70 -7.80
N ALA C 141 20.18 -21.60 -8.48
CA ALA C 141 19.79 -20.27 -8.03
C ALA C 141 18.35 -19.97 -8.43
N PRO C 142 17.46 -19.69 -7.48
CA PRO C 142 16.07 -19.37 -7.81
C PRO C 142 15.86 -17.87 -8.00
N ASN C 143 14.89 -17.54 -8.86
CA ASN C 143 14.55 -16.18 -9.25
C ASN C 143 15.69 -15.43 -9.94
N LEU C 144 16.84 -16.07 -10.16
CA LEU C 144 17.91 -15.46 -10.93
C LEU C 144 17.46 -15.30 -12.37
N THR C 145 17.78 -14.16 -12.96
CA THR C 145 17.41 -13.90 -14.34
C THR C 145 18.05 -14.92 -15.28
N GLY C 146 17.61 -14.90 -16.53
CA GLY C 146 18.29 -15.64 -17.55
C GLY C 146 19.68 -15.07 -17.76
N ILE C 147 20.69 -15.93 -17.84
CA ILE C 147 22.06 -15.51 -18.06
C ILE C 147 22.69 -16.46 -19.07
N HIS C 148 23.92 -16.12 -19.49
CA HIS C 148 24.67 -16.87 -20.48
C HIS C 148 26.02 -17.28 -19.91
N PHE C 149 26.27 -18.58 -19.83
CA PHE C 149 27.53 -19.11 -19.34
C PHE C 149 27.97 -20.27 -20.21
N THR C 150 29.18 -20.17 -20.77
CA THR C 150 29.78 -21.22 -21.57
C THR C 150 31.15 -21.56 -20.99
N LYS C 151 31.69 -22.70 -21.44
CA LYS C 151 33.01 -23.13 -20.97
C LYS C 151 34.10 -22.16 -21.40
N LYS C 152 33.89 -21.45 -22.51
CA LYS C 152 34.86 -20.45 -22.93
C LYS C 152 34.85 -19.26 -21.98
N TYR C 153 33.73 -19.02 -21.31
CA TYR C 153 33.65 -17.94 -20.33
C TYR C 153 34.48 -18.23 -19.07
N VAL C 154 35.09 -19.40 -18.96
CA VAL C 154 35.97 -19.74 -17.85
C VAL C 154 37.40 -19.72 -18.34
N ARG C 155 38.25 -18.93 -17.69
CA ARG C 155 39.63 -18.77 -18.15
C ARG C 155 40.58 -18.59 -16.97
N HIS C 156 41.70 -19.32 -17.01
CA HIS C 156 42.81 -19.10 -16.08
C HIS C 156 43.71 -18.00 -16.61
N LEU C 157 44.19 -17.14 -15.71
CA LEU C 157 44.94 -15.95 -16.10
C LEU C 157 46.25 -15.87 -15.31
N ASN C 158 47.13 -14.99 -15.79
CA ASN C 158 48.49 -14.82 -15.26
C ASN C 158 49.34 -16.05 -15.55
N GLU D 1 -13.54 -35.74 -3.39
CA GLU D 1 -13.81 -34.39 -2.93
C GLU D 1 -12.59 -33.81 -2.27
N VAL D 2 -12.41 -32.49 -2.41
CA VAL D 2 -11.33 -31.82 -1.73
C VAL D 2 -11.59 -31.77 -0.22
N GLN D 3 -10.54 -31.99 0.56
CA GLN D 3 -10.58 -31.86 2.00
C GLN D 3 -9.35 -31.09 2.43
N LEU D 4 -9.55 -29.95 3.09
CA LEU D 4 -8.47 -29.25 3.75
C LEU D 4 -8.85 -29.16 5.22
N VAL D 5 -7.95 -29.60 6.10
CA VAL D 5 -8.23 -29.65 7.53
C VAL D 5 -7.15 -28.87 8.26
N GLU D 6 -7.54 -27.78 8.90
CA GLU D 6 -6.62 -26.94 9.66
C GLU D 6 -6.49 -27.44 11.10
N SER D 7 -5.37 -27.08 11.71
CA SER D 7 -5.17 -27.33 13.13
C SER D 7 -3.97 -26.53 13.57
N GLY D 8 -3.73 -26.54 14.88
CA GLY D 8 -2.63 -25.81 15.47
C GLY D 8 -3.03 -24.55 16.20
N GLY D 9 -4.28 -24.12 16.12
CA GLY D 9 -4.71 -22.93 16.82
C GLY D 9 -4.75 -23.14 18.32
N GLY D 10 -4.84 -22.03 19.04
CA GLY D 10 -4.87 -22.09 20.49
C GLY D 10 -4.72 -20.70 21.07
N LEU D 11 -4.77 -20.65 22.40
CA LEU D 11 -4.63 -19.39 23.12
C LEU D 11 -3.15 -19.15 23.42
N VAL D 12 -2.73 -17.90 23.30
CA VAL D 12 -1.33 -17.54 23.40
C VAL D 12 -1.23 -16.11 23.92
N LYS D 13 -0.27 -15.87 24.82
CA LYS D 13 -0.03 -14.51 25.29
C LYS D 13 0.72 -13.73 24.21
N PRO D 14 0.55 -12.40 24.18
CA PRO D 14 1.18 -11.62 23.11
C PRO D 14 2.69 -11.75 23.12
N GLY D 15 3.28 -11.64 21.92
CA GLY D 15 4.70 -11.77 21.72
C GLY D 15 5.17 -13.20 21.53
N GLY D 16 4.30 -14.18 21.70
CA GLY D 16 4.67 -15.58 21.61
C GLY D 16 4.51 -16.14 20.21
N SER D 17 4.47 -17.47 20.15
CA SER D 17 4.59 -18.18 18.89
C SER D 17 3.58 -19.30 18.83
N LEU D 18 3.28 -19.70 17.59
CA LEU D 18 2.38 -20.79 17.28
C LEU D 18 2.70 -21.19 15.85
N ARG D 19 2.21 -22.34 15.43
CA ARG D 19 2.25 -22.62 14.01
C ARG D 19 1.14 -23.58 13.59
N LEU D 20 0.54 -23.26 12.46
CA LEU D 20 -0.63 -23.98 11.99
C LEU D 20 -0.22 -24.96 10.92
N SER D 21 -1.01 -26.02 10.80
CA SER D 21 -0.81 -27.01 9.75
C SER D 21 -2.12 -27.16 9.02
N CYS D 22 -2.03 -27.64 7.79
CA CYS D 22 -3.19 -27.88 6.97
C CYS D 22 -2.96 -29.17 6.21
N SER D 23 -3.83 -30.16 6.41
CA SER D 23 -3.73 -31.45 5.75
C SER D 23 -4.67 -31.49 4.56
N ALA D 24 -4.15 -31.84 3.38
CA ALA D 24 -4.90 -31.71 2.13
C ALA D 24 -5.07 -33.04 1.44
N SER D 25 -6.24 -33.23 0.82
CA SER D 25 -6.50 -34.40 0.00
C SER D 25 -7.51 -34.06 -1.09
N GLY D 26 -7.66 -34.98 -2.04
CA GLY D 26 -8.66 -34.83 -3.07
C GLY D 26 -8.22 -34.01 -4.27
N PHE D 27 -6.96 -33.59 -4.30
CA PHE D 27 -6.44 -32.85 -5.44
C PHE D 27 -4.93 -32.97 -5.43
N ASP D 28 -4.31 -32.51 -6.51
CA ASP D 28 -2.87 -32.56 -6.70
C ASP D 28 -2.19 -31.47 -5.88
N PHE D 29 -2.11 -31.70 -4.56
CA PHE D 29 -1.48 -30.73 -3.67
C PHE D 29 -0.05 -30.40 -4.10
N ASP D 30 0.67 -31.38 -4.62
CA ASP D 30 2.11 -31.18 -4.80
C ASP D 30 2.41 -30.09 -5.84
N ASN D 31 1.51 -29.87 -6.79
CA ASN D 31 1.70 -28.83 -7.80
C ASN D 31 0.77 -27.63 -7.62
N ALA D 32 0.16 -27.49 -6.45
CA ALA D 32 -0.85 -26.47 -6.24
C ALA D 32 -0.27 -25.29 -5.47
N TRP D 33 -0.68 -24.09 -5.85
CA TRP D 33 -0.49 -22.92 -5.01
C TRP D 33 -1.49 -22.97 -3.86
N MET D 34 -1.01 -22.64 -2.66
CA MET D 34 -1.78 -22.68 -1.41
C MET D 34 -1.63 -21.36 -0.67
N THR D 35 -2.76 -20.83 -0.18
CA THR D 35 -2.80 -19.52 0.48
C THR D 35 -3.34 -19.66 1.91
N TRP D 36 -2.81 -18.82 2.82
CA TRP D 36 -3.38 -18.65 4.15
C TRP D 36 -4.22 -17.37 4.20
N VAL D 37 -5.38 -17.46 4.85
CA VAL D 37 -6.29 -16.33 4.98
C VAL D 37 -6.88 -16.29 6.39
N ARG D 38 -6.87 -15.11 7.00
CA ARG D 38 -7.40 -14.96 8.35
C ARG D 38 -8.61 -14.02 8.35
N GLN D 39 -9.48 -14.23 9.32
CA GLN D 39 -10.65 -13.39 9.56
C GLN D 39 -10.68 -13.05 11.03
N PRO D 40 -10.29 -11.83 11.41
CA PRO D 40 -10.41 -11.44 12.79
C PRO D 40 -11.86 -11.41 13.19
N PRO D 41 -12.18 -11.72 14.45
CA PRO D 41 -13.58 -11.70 14.93
C PRO D 41 -14.33 -10.42 14.56
N GLY D 42 -15.39 -10.56 13.77
CA GLY D 42 -16.20 -9.42 13.38
C GLY D 42 -15.72 -8.71 12.13
N LYS D 43 -14.43 -8.80 11.82
CA LYS D 43 -13.89 -8.19 10.61
C LYS D 43 -14.07 -9.15 9.44
N GLY D 44 -13.43 -8.85 8.32
CA GLY D 44 -13.65 -9.66 7.14
C GLY D 44 -12.38 -10.36 6.74
N LEU D 45 -12.36 -10.98 5.57
CA LEU D 45 -11.22 -11.78 5.16
C LEU D 45 -9.98 -10.91 5.01
N GLU D 46 -8.83 -11.45 5.40
CA GLU D 46 -7.54 -10.79 5.16
C GLU D 46 -6.55 -11.78 4.56
N TRP D 47 -5.87 -11.34 3.51
CA TRP D 47 -4.91 -12.19 2.83
C TRP D 47 -3.59 -12.15 3.58
N VAL D 48 -3.05 -13.33 3.92
CA VAL D 48 -1.81 -13.40 4.67
C VAL D 48 -0.64 -13.57 3.71
N GLY D 49 -0.67 -14.64 2.92
CA GLY D 49 0.39 -14.86 1.97
C GLY D 49 0.11 -16.13 1.22
N ARG D 50 1.02 -16.46 0.31
CA ARG D 50 0.79 -17.57 -0.61
C ARG D 50 2.12 -18.20 -0.98
N ILE D 51 2.11 -19.52 -1.12
CA ILE D 51 3.27 -20.27 -1.56
C ILE D 51 2.96 -20.88 -2.93
N THR D 52 3.94 -20.82 -3.81
CA THR D 52 3.77 -21.29 -5.18
C THR D 52 4.28 -22.73 -5.34
N GLY D 53 4.33 -23.22 -6.58
CA GLY D 53 4.74 -24.58 -6.84
C GLY D 53 6.17 -24.70 -7.33
N PRO D 54 6.51 -25.87 -7.87
CA PRO D 54 7.91 -26.12 -8.28
C PRO D 54 8.38 -25.26 -9.43
N GLY D 55 7.48 -24.87 -10.35
CA GLY D 55 7.91 -24.03 -11.45
C GLY D 55 8.43 -22.69 -10.98
N GLU D 56 7.83 -22.16 -9.90
CA GLU D 56 8.23 -20.88 -9.34
C GLU D 56 9.17 -21.03 -8.17
N GLY D 57 9.64 -22.25 -7.89
CA GLY D 57 10.66 -22.43 -6.88
C GLY D 57 10.17 -22.37 -5.46
N TRP D 58 8.88 -22.63 -5.23
CA TRP D 58 8.26 -22.50 -3.92
C TRP D 58 8.48 -21.10 -3.34
N SER D 59 8.38 -20.08 -4.18
CA SER D 59 8.44 -18.71 -3.71
C SER D 59 7.19 -18.38 -2.89
N VAL D 60 7.38 -17.54 -1.88
CA VAL D 60 6.32 -17.17 -0.96
C VAL D 60 6.22 -15.66 -0.86
N ASP D 61 5.07 -15.11 -1.20
CA ASP D 61 4.78 -13.69 -1.03
C ASP D 61 3.96 -13.48 0.23
N TYR D 62 4.27 -12.44 0.98
CA TYR D 62 3.58 -12.17 2.23
C TYR D 62 2.87 -10.81 2.20
N ALA D 63 1.75 -10.74 2.91
CA ALA D 63 1.16 -9.45 3.24
C ALA D 63 2.11 -8.64 4.10
N ALA D 64 2.17 -7.34 3.84
CA ALA D 64 3.11 -6.49 4.57
C ALA D 64 2.97 -6.56 6.09
N PRO D 65 1.77 -6.58 6.69
CA PRO D 65 1.71 -6.58 8.16
C PRO D 65 2.26 -7.84 8.83
N VAL D 66 2.44 -8.94 8.12
CA VAL D 66 2.97 -10.16 8.71
C VAL D 66 4.37 -10.51 8.24
N GLU D 67 4.87 -9.84 7.20
CA GLU D 67 6.16 -10.23 6.62
C GLU D 67 7.26 -10.14 7.68
N GLY D 68 8.07 -11.20 7.77
CA GLY D 68 9.18 -11.21 8.71
C GLY D 68 8.97 -12.10 9.92
N ARG D 69 7.77 -12.10 10.51
CA ARG D 69 7.48 -12.93 11.66
C ARG D 69 6.52 -14.08 11.36
N PHE D 70 5.94 -14.11 10.17
CA PHE D 70 5.17 -15.25 9.70
C PHE D 70 5.95 -15.99 8.63
N THR D 71 5.75 -17.31 8.57
CA THR D 71 6.53 -18.15 7.66
C THR D 71 5.65 -19.26 7.11
N ILE D 72 5.57 -19.36 5.79
CA ILE D 72 4.70 -20.31 5.13
C ILE D 72 5.57 -21.40 4.53
N SER D 73 5.21 -22.65 4.75
CA SER D 73 6.03 -23.76 4.25
C SER D 73 5.14 -24.93 3.89
N ARG D 74 5.72 -25.91 3.23
CA ARG D 74 4.97 -27.05 2.74
C ARG D 74 5.83 -28.29 2.81
N LEU D 75 5.17 -29.44 2.92
CA LEU D 75 5.86 -30.73 2.95
C LEU D 75 5.09 -31.61 1.99
N ASN D 76 5.48 -31.62 0.73
CA ASN D 76 4.62 -32.25 -0.27
C ASN D 76 4.51 -33.75 -0.09
N SER D 77 5.39 -34.35 0.69
CA SER D 77 5.38 -35.78 0.86
C SER D 77 4.28 -36.26 1.80
N ILE D 78 3.62 -35.36 2.50
CA ILE D 78 2.47 -35.75 3.30
C ILE D 78 1.34 -34.78 3.01
N ASN D 79 1.55 -33.89 2.04
CA ASN D 79 0.50 -32.95 1.62
C ASN D 79 0.09 -32.02 2.76
N PHE D 80 1.08 -31.52 3.49
CA PHE D 80 0.85 -30.64 4.62
C PHE D 80 1.24 -29.22 4.25
N LEU D 81 0.45 -28.26 4.69
CA LEU D 81 0.75 -26.84 4.57
C LEU D 81 0.97 -26.29 5.96
N TYR D 82 1.89 -25.34 6.10
CA TYR D 82 2.17 -24.78 7.41
C TYR D 82 2.20 -23.25 7.36
N LEU D 83 1.86 -22.66 8.49
CA LEU D 83 2.11 -21.25 8.77
C LEU D 83 2.76 -21.18 10.13
N GLU D 84 3.98 -20.67 10.18
CA GLU D 84 4.72 -20.53 11.43
C GLU D 84 4.63 -19.08 11.88
N MET D 85 4.07 -18.87 13.06
CA MET D 85 3.78 -17.53 13.56
C MET D 85 4.70 -17.20 14.72
N ASN D 86 5.43 -16.10 14.61
CA ASN D 86 6.28 -15.60 15.67
C ASN D 86 5.88 -14.17 15.98
N ASN D 87 6.29 -13.71 17.16
CA ASN D 87 6.04 -12.34 17.63
C ASN D 87 4.56 -11.99 17.44
N LEU D 88 3.70 -12.79 18.07
CA LEU D 88 2.26 -12.66 17.87
C LEU D 88 1.71 -11.45 18.63
N ARG D 89 0.88 -10.67 17.93
CA ARG D 89 0.23 -9.49 18.47
C ARG D 89 -1.26 -9.75 18.65
N MET D 90 -1.89 -8.94 19.51
CA MET D 90 -3.32 -9.08 19.72
C MET D 90 -4.08 -8.97 18.40
N GLU D 91 -3.57 -8.18 17.46
CA GLU D 91 -4.24 -8.02 16.17
C GLU D 91 -4.33 -9.35 15.41
N ASP D 92 -3.26 -10.15 15.45
CA ASP D 92 -3.22 -11.37 14.66
C ASP D 92 -4.28 -12.40 15.06
N SER D 93 -5.02 -12.17 16.15
CA SER D 93 -6.06 -13.11 16.53
C SER D 93 -7.13 -13.20 15.44
N GLY D 94 -7.69 -14.37 15.28
CA GLY D 94 -8.73 -14.59 14.30
C GLY D 94 -8.74 -16.03 13.85
N LEU D 95 -9.60 -16.31 12.87
CA LEU D 95 -9.74 -17.65 12.34
C LEU D 95 -8.93 -17.77 11.05
N TYR D 96 -8.03 -18.74 11.00
CA TYR D 96 -7.10 -18.90 9.89
C TYR D 96 -7.55 -20.02 8.95
N PHE D 97 -7.59 -19.74 7.65
CA PHE D 97 -8.04 -20.69 6.64
C PHE D 97 -6.90 -20.99 5.67
N CYS D 98 -6.73 -22.26 5.28
CA CYS D 98 -5.96 -22.58 4.08
C CYS D 98 -6.91 -22.62 2.89
N ALA D 99 -6.41 -22.16 1.74
CA ALA D 99 -7.15 -22.20 0.49
C ALA D 99 -6.29 -22.79 -0.61
N ARG D 100 -6.86 -23.71 -1.37
CA ARG D 100 -6.26 -24.09 -2.63
C ARG D 100 -6.44 -22.95 -3.63
N THR D 101 -5.36 -22.52 -4.25
CA THR D 101 -5.32 -21.27 -5.00
C THR D 101 -5.09 -21.57 -6.48
N GLY D 102 -6.06 -21.27 -7.32
CA GLY D 102 -5.84 -21.31 -8.75
C GLY D 102 -5.23 -20.02 -9.31
N LYS D 103 -4.85 -20.08 -10.58
CA LYS D 103 -4.23 -18.98 -11.33
C LYS D 103 -5.10 -18.71 -12.54
N TYR D 104 -5.28 -17.42 -12.87
CA TYR D 104 -6.15 -17.06 -13.99
C TYR D 104 -5.57 -15.90 -14.79
N TYR D 105 -5.48 -16.10 -16.10
CA TYR D 105 -5.02 -15.07 -17.01
C TYR D 105 -5.91 -15.07 -18.24
N ASP D 106 -6.42 -13.92 -18.62
CA ASP D 106 -7.18 -13.84 -19.87
C ASP D 106 -6.23 -13.43 -20.98
N PHE D 107 -6.22 -14.21 -22.06
CA PHE D 107 -5.26 -13.92 -23.12
C PHE D 107 -5.51 -12.53 -23.70
N TRP D 108 -6.71 -12.31 -24.26
CA TRP D 108 -6.95 -11.06 -24.98
C TRP D 108 -6.88 -9.84 -24.07
N SER D 109 -7.46 -9.95 -22.88
CA SER D 109 -7.67 -8.78 -22.04
C SER D 109 -6.84 -8.78 -20.77
N GLY D 110 -6.14 -9.87 -20.46
CA GLY D 110 -5.46 -9.97 -19.20
C GLY D 110 -4.12 -9.27 -19.16
N TYR D 111 -3.74 -8.92 -17.93
CA TYR D 111 -2.55 -8.18 -17.55
C TYR D 111 -1.72 -9.07 -16.63
N PRO D 112 -0.45 -9.32 -16.95
CA PRO D 112 0.35 -10.20 -16.09
C PRO D 112 0.58 -9.54 -14.74
N PRO D 113 0.68 -10.31 -13.66
CA PRO D 113 0.67 -11.78 -13.58
C PRO D 113 -0.72 -12.37 -13.47
N GLY D 114 -1.75 -11.75 -14.01
CA GLY D 114 -3.05 -12.38 -13.87
C GLY D 114 -3.55 -12.33 -12.44
N GLU D 115 -4.49 -13.20 -12.14
CA GLU D 115 -5.11 -13.18 -10.82
C GLU D 115 -5.05 -14.55 -10.16
N GLU D 116 -5.21 -14.54 -8.85
CA GLU D 116 -5.27 -15.73 -8.05
C GLU D 116 -6.63 -15.81 -7.39
N TYR D 117 -7.25 -16.98 -7.43
CA TYR D 117 -8.54 -17.19 -6.82
C TYR D 117 -8.48 -18.46 -5.97
N PHE D 118 -9.47 -18.58 -5.08
CA PHE D 118 -9.43 -19.55 -3.99
C PHE D 118 -10.56 -20.57 -4.17
N GLN D 119 -10.25 -21.68 -4.87
CA GLN D 119 -11.28 -22.64 -5.27
C GLN D 119 -11.79 -23.50 -4.12
N ASP D 120 -11.02 -23.66 -3.05
CA ASP D 120 -11.42 -24.57 -1.99
C ASP D 120 -10.84 -24.09 -0.67
N TRP D 121 -11.64 -24.13 0.37
CA TRP D 121 -11.24 -23.65 1.68
C TRP D 121 -11.47 -24.72 2.73
N GLY D 122 -10.57 -24.76 3.73
CA GLY D 122 -10.86 -25.49 4.94
C GLY D 122 -11.80 -24.70 5.85
N ARG D 123 -12.21 -25.34 6.95
CA ARG D 123 -13.10 -24.74 7.95
C ARG D 123 -12.35 -23.88 8.97
N GLY D 124 -11.03 -23.87 8.97
CA GLY D 124 -10.32 -22.88 9.77
C GLY D 124 -9.89 -23.41 11.11
N THR D 125 -8.91 -22.72 11.69
CA THR D 125 -8.42 -22.97 13.05
C THR D 125 -8.25 -21.62 13.73
N LEU D 126 -8.64 -21.55 15.00
CA LEU D 126 -8.75 -20.28 15.70
C LEU D 126 -7.48 -19.94 16.46
N VAL D 127 -7.05 -18.69 16.35
CA VAL D 127 -5.87 -18.19 17.03
C VAL D 127 -6.30 -17.05 17.95
N THR D 128 -5.96 -17.15 19.22
CA THR D 128 -6.36 -16.17 20.23
C THR D 128 -5.12 -15.61 20.91
N VAL D 129 -4.81 -14.36 20.63
CA VAL D 129 -3.73 -13.64 21.31
C VAL D 129 -4.37 -12.77 22.37
N SER D 130 -4.35 -13.21 23.63
CA SER D 130 -4.93 -12.44 24.73
C SER D 130 -4.01 -12.49 25.95
N SER D 131 -3.88 -11.34 26.60
CA SER D 131 -3.06 -11.25 27.81
C SER D 131 -3.93 -11.45 29.06
N ALA D 132 -4.61 -12.60 29.10
CA ALA D 132 -5.49 -12.93 30.20
C ALA D 132 -5.27 -14.36 30.64
N SER D 133 -5.55 -14.63 31.91
CA SER D 133 -5.44 -15.95 32.48
C SER D 133 -6.82 -16.58 32.62
N THR D 134 -6.83 -17.90 32.79
CA THR D 134 -8.09 -18.62 32.96
C THR D 134 -8.80 -18.14 34.23
N LYS D 135 -9.99 -17.57 34.05
CA LYS D 135 -10.79 -17.08 35.17
C LYS D 135 -12.18 -17.68 35.08
N GLY D 136 -12.66 -18.23 36.20
CA GLY D 136 -14.03 -18.68 36.28
C GLY D 136 -14.94 -17.48 36.23
N PRO D 137 -16.20 -17.71 35.85
CA PRO D 137 -17.17 -16.60 35.84
C PRO D 137 -17.77 -16.34 37.20
N SER D 138 -18.23 -15.11 37.39
CA SER D 138 -18.98 -14.73 38.58
C SER D 138 -20.45 -14.69 38.16
N VAL D 139 -21.17 -15.80 38.42
CA VAL D 139 -22.55 -15.95 37.96
C VAL D 139 -23.49 -15.22 38.90
N PHE D 140 -24.42 -14.46 38.33
CA PHE D 140 -25.36 -13.63 39.06
C PHE D 140 -26.78 -13.96 38.61
N PRO D 141 -27.78 -13.71 39.46
CA PRO D 141 -29.16 -14.02 39.05
C PRO D 141 -29.86 -12.83 38.43
N LEU D 142 -30.79 -13.13 37.53
CA LEU D 142 -31.68 -12.15 36.91
C LEU D 142 -33.07 -12.35 37.52
N ALA D 143 -33.36 -11.60 38.58
CA ALA D 143 -34.61 -11.76 39.29
C ALA D 143 -35.77 -11.20 38.47
N PRO D 144 -36.93 -11.89 38.47
CA PRO D 144 -38.16 -11.42 37.81
C PRO D 144 -38.93 -10.41 38.65
N LEU D 156 -36.51 -14.68 33.55
CA LEU D 156 -35.55 -14.99 34.60
C LEU D 156 -34.35 -15.74 34.02
N GLY D 157 -33.17 -15.54 34.61
CA GLY D 157 -31.99 -16.19 34.10
C GLY D 157 -30.76 -15.84 34.90
N CYS D 158 -29.59 -16.15 34.33
CA CYS D 158 -28.31 -16.04 35.02
C CYS D 158 -27.32 -15.25 34.18
N LEU D 159 -26.55 -14.38 34.84
CA LEU D 159 -25.57 -13.50 34.19
C LEU D 159 -24.18 -14.04 34.49
N VAL D 160 -23.50 -14.50 33.45
CA VAL D 160 -22.15 -15.07 33.55
C VAL D 160 -21.17 -13.94 33.24
N LYS D 161 -20.41 -13.52 34.23
CA LYS D 161 -19.71 -12.24 34.18
C LYS D 161 -18.20 -12.44 34.35
N ASP D 162 -17.44 -11.78 33.48
CA ASP D 162 -15.98 -11.65 33.61
C ASP D 162 -15.30 -13.03 33.61
N TYR D 163 -15.43 -13.73 32.49
CA TYR D 163 -14.86 -15.06 32.33
C TYR D 163 -13.95 -15.13 31.11
N PHE D 164 -13.03 -16.07 31.17
CA PHE D 164 -12.00 -16.29 30.15
C PHE D 164 -11.38 -17.65 30.43
N PRO D 165 -11.20 -18.51 29.40
CA PRO D 165 -11.57 -18.33 27.99
C PRO D 165 -12.86 -19.02 27.58
N GLU D 166 -13.25 -18.74 26.35
CA GLU D 166 -14.46 -19.31 25.80
C GLU D 166 -14.25 -20.80 25.57
N PRO D 167 -15.32 -21.58 25.63
CA PRO D 167 -16.71 -21.21 25.84
C PRO D 167 -17.14 -21.39 27.29
N VAL D 168 -18.42 -21.18 27.58
CA VAL D 168 -19.03 -21.58 28.83
C VAL D 168 -20.35 -22.27 28.53
N THR D 169 -20.74 -23.16 29.44
CA THR D 169 -21.97 -23.93 29.29
C THR D 169 -22.97 -23.51 30.37
N VAL D 170 -24.25 -23.45 29.99
CA VAL D 170 -25.32 -23.07 30.89
C VAL D 170 -26.42 -24.12 30.81
N SER D 171 -26.77 -24.71 31.95
CA SER D 171 -27.89 -25.63 32.06
C SER D 171 -28.95 -25.02 32.97
N TRP D 172 -30.21 -25.37 32.70
CA TRP D 172 -31.37 -24.81 33.40
C TRP D 172 -31.49 -23.31 33.14
N ASN D 173 -32.28 -22.62 33.97
CA ASN D 173 -32.59 -21.18 33.89
C ASN D 173 -32.12 -20.46 32.62
N SER D 179 -39.46 -25.06 27.48
CA SER D 179 -38.00 -24.99 27.51
C SER D 179 -37.52 -23.72 26.82
N GLY D 180 -37.88 -22.57 27.38
CA GLY D 180 -37.53 -21.30 26.79
C GLY D 180 -36.13 -20.84 27.12
N VAL D 181 -35.14 -21.74 26.99
CA VAL D 181 -33.76 -21.42 27.29
C VAL D 181 -33.16 -20.73 26.06
N HIS D 182 -32.99 -19.41 26.15
CA HIS D 182 -32.33 -18.62 25.11
C HIS D 182 -31.00 -18.16 25.67
N THR D 183 -29.93 -18.88 25.34
CA THR D 183 -28.57 -18.52 25.75
C THR D 183 -27.99 -17.57 24.71
N PHE D 184 -27.67 -16.35 25.14
CA PHE D 184 -27.31 -15.23 24.29
C PHE D 184 -25.82 -15.23 24.00
N PRO D 185 -25.40 -14.62 22.90
CA PRO D 185 -23.97 -14.61 22.56
C PRO D 185 -23.17 -13.85 23.59
N ALA D 186 -21.91 -14.25 23.74
CA ALA D 186 -21.04 -13.60 24.70
C ALA D 186 -20.70 -12.18 24.25
N VAL D 187 -20.01 -11.45 25.13
CA VAL D 187 -19.43 -10.17 24.79
C VAL D 187 -18.02 -10.13 25.38
N LEU D 188 -17.00 -10.08 24.52
CA LEU D 188 -15.68 -9.71 24.98
C LEU D 188 -15.67 -8.25 25.41
N GLN D 189 -15.10 -7.97 26.57
CA GLN D 189 -15.09 -6.63 27.11
C GLN D 189 -13.69 -6.04 27.00
N SER D 190 -13.61 -4.73 27.19
CA SER D 190 -12.33 -4.05 27.16
C SER D 190 -11.37 -4.58 28.21
N SER D 191 -11.90 -5.22 29.26
CA SER D 191 -11.08 -5.92 30.24
C SER D 191 -10.38 -7.12 29.64
N GLY D 192 -10.84 -7.61 28.49
CA GLY D 192 -10.30 -8.80 27.90
C GLY D 192 -11.03 -10.08 28.25
N LEU D 193 -12.06 -10.02 29.09
CA LEU D 193 -12.85 -11.18 29.47
C LEU D 193 -14.23 -11.10 28.86
N TYR D 194 -14.84 -12.27 28.62
CA TYR D 194 -16.18 -12.36 28.06
C TYR D 194 -17.24 -12.23 29.15
N SER D 195 -18.44 -11.82 28.74
CA SER D 195 -19.61 -11.86 29.60
C SER D 195 -20.79 -12.39 28.78
N LEU D 196 -21.66 -13.13 29.46
CA LEU D 196 -22.76 -13.83 28.81
C LEU D 196 -23.99 -13.76 29.69
N SER D 197 -25.15 -14.02 29.10
CA SER D 197 -26.40 -14.08 29.86
C SER D 197 -27.29 -15.15 29.25
N SER D 198 -28.20 -15.65 30.09
CA SER D 198 -29.18 -16.66 29.67
C SER D 198 -30.50 -16.38 30.36
N VAL D 199 -31.60 -16.70 29.68
CA VAL D 199 -32.95 -16.43 30.18
C VAL D 199 -33.83 -17.63 29.89
N VAL D 200 -34.84 -17.82 30.75
CA VAL D 200 -35.86 -18.84 30.57
C VAL D 200 -37.24 -18.18 30.67
N THR D 201 -38.21 -18.75 29.97
CA THR D 201 -39.58 -18.26 29.96
C THR D 201 -40.47 -19.24 30.72
N VAL D 202 -41.13 -18.76 31.78
CA VAL D 202 -41.87 -19.62 32.69
C VAL D 202 -43.19 -18.93 33.05
N PRO D 203 -44.17 -19.71 33.50
CA PRO D 203 -45.41 -19.13 34.04
C PRO D 203 -45.19 -18.56 35.45
N SER D 204 -46.25 -17.94 35.98
CA SER D 204 -46.14 -17.24 37.27
C SER D 204 -45.87 -18.17 38.45
N SER D 205 -46.12 -19.48 38.30
CA SER D 205 -45.88 -20.41 39.40
C SER D 205 -44.40 -20.45 39.75
N SER D 206 -44.12 -20.40 41.06
CA SER D 206 -42.74 -20.34 41.56
C SER D 206 -41.86 -21.47 41.03
N THR D 211 -38.74 -23.32 41.46
CA THR D 211 -37.46 -23.93 41.82
C THR D 211 -36.60 -24.13 40.59
N TYR D 212 -35.93 -23.06 40.15
CA TYR D 212 -35.03 -23.10 39.00
C TYR D 212 -33.64 -22.66 39.43
N ILE D 213 -32.65 -23.50 39.17
CA ILE D 213 -31.25 -23.23 39.51
C ILE D 213 -30.41 -23.47 38.26
N CYS D 214 -29.71 -22.43 37.81
CA CYS D 214 -28.93 -22.52 36.58
C CYS D 214 -27.60 -23.22 36.85
N ASN D 215 -27.37 -24.33 36.17
CA ASN D 215 -26.08 -25.00 36.24
C ASN D 215 -25.15 -24.42 35.18
N VAL D 216 -23.96 -23.99 35.59
CA VAL D 216 -23.00 -23.34 34.70
C VAL D 216 -21.65 -24.03 34.89
N ASN D 217 -20.92 -24.22 33.80
CA ASN D 217 -19.59 -24.84 33.85
C ASN D 217 -18.65 -24.15 32.88
N HIS D 218 -17.49 -23.75 33.39
CA HIS D 218 -16.41 -23.17 32.59
C HIS D 218 -15.33 -24.24 32.48
N LYS D 219 -15.17 -24.79 31.28
CA LYS D 219 -14.27 -25.95 31.11
C LYS D 219 -12.83 -25.66 31.53
N PRO D 220 -12.19 -24.56 31.12
CA PRO D 220 -10.75 -24.40 31.42
C PRO D 220 -10.45 -24.36 32.89
N SER D 221 -11.09 -23.45 33.63
CA SER D 221 -10.84 -23.37 35.06
C SER D 221 -11.48 -24.51 35.83
N ASN D 222 -12.17 -25.42 35.15
CA ASN D 222 -12.92 -26.52 35.79
C ASN D 222 -13.91 -25.99 36.83
N THR D 223 -14.30 -24.73 36.70
CA THR D 223 -15.24 -24.12 37.63
C THR D 223 -16.66 -24.46 37.20
N LYS D 224 -17.48 -24.90 38.15
CA LYS D 224 -18.87 -25.22 37.87
C LYS D 224 -19.75 -24.64 38.96
N VAL D 225 -20.91 -24.11 38.58
CA VAL D 225 -21.81 -23.40 39.47
C VAL D 225 -23.24 -23.83 39.16
N ASP D 226 -24.08 -23.83 40.19
CA ASP D 226 -25.50 -24.16 40.05
C ASP D 226 -26.36 -23.15 40.82
N LYS D 227 -26.12 -21.86 40.55
CA LYS D 227 -26.85 -20.79 41.25
C LYS D 227 -28.35 -20.85 40.98
N ARG D 228 -29.14 -20.74 42.04
CA ARG D 228 -30.60 -20.72 41.97
C ARG D 228 -31.09 -19.28 41.88
N VAL D 229 -32.34 -19.13 41.44
CA VAL D 229 -32.90 -17.80 41.17
C VAL D 229 -34.35 -17.74 41.65
N GLU D 230 -34.66 -16.70 42.42
CA GLU D 230 -35.97 -16.47 43.03
C GLU D 230 -36.43 -15.06 42.70
N PRO D 231 -37.73 -14.79 42.83
CA PRO D 231 -38.24 -13.42 42.59
C PRO D 231 -37.61 -12.39 43.51
N LYS D 232 -37.96 -11.14 43.27
CA LYS D 232 -37.49 -10.02 44.07
C LYS D 232 -37.87 -10.17 45.53
N TYR E 2 -9.10 0.25 2.13
CA TYR E 2 -8.95 -0.85 1.17
C TYR E 2 -8.69 -0.36 -0.25
N GLU E 3 -7.84 -1.08 -0.98
CA GLU E 3 -7.78 -0.86 -2.42
C GLU E 3 -9.04 -1.35 -3.12
N LEU E 4 -9.89 -2.10 -2.44
CA LEU E 4 -11.16 -2.55 -3.00
C LEU E 4 -12.25 -2.22 -2.00
N THR E 5 -13.19 -1.36 -2.39
CA THR E 5 -14.20 -0.88 -1.46
C THR E 5 -15.55 -1.49 -1.83
N GLN E 6 -16.22 -2.05 -0.83
CA GLN E 6 -17.54 -2.65 -1.01
C GLN E 6 -18.56 -1.93 -0.15
N GLU E 7 -19.80 -1.87 -0.64
CA GLU E 7 -20.84 -1.31 0.21
C GLU E 7 -20.99 -2.15 1.46
N THR E 8 -21.11 -1.47 2.60
CA THR E 8 -21.19 -2.16 3.88
C THR E 8 -22.34 -3.15 3.91
N GLY E 9 -23.50 -2.79 3.37
CA GLY E 9 -24.62 -3.72 3.37
C GLY E 9 -25.63 -3.41 2.29
N VAL E 10 -26.34 -4.45 1.88
CA VAL E 10 -27.37 -4.35 0.85
C VAL E 10 -28.54 -5.27 1.23
N SER E 11 -29.75 -4.84 0.94
CA SER E 11 -30.96 -5.61 1.17
C SER E 11 -31.68 -5.88 -0.14
N VAL E 12 -32.42 -6.97 -0.18
CA VAL E 12 -33.17 -7.35 -1.37
C VAL E 12 -34.31 -8.25 -0.94
N ALA E 13 -35.41 -8.19 -1.64
CA ALA E 13 -36.54 -9.05 -1.36
C ALA E 13 -36.34 -10.40 -2.04
N LEU E 14 -36.88 -11.44 -1.40
CA LEU E 14 -36.92 -12.78 -1.99
C LEU E 14 -37.36 -12.72 -3.45
N GLY E 15 -36.61 -13.39 -4.31
CA GLY E 15 -36.93 -13.50 -5.71
C GLY E 15 -36.38 -12.39 -6.58
N ARG E 16 -35.96 -11.28 -5.99
CA ARG E 16 -35.48 -10.19 -6.81
C ARG E 16 -34.00 -10.36 -7.11
N THR E 17 -33.51 -9.48 -7.97
CA THR E 17 -32.17 -9.50 -8.50
C THR E 17 -31.38 -8.36 -7.86
N VAL E 18 -30.16 -8.65 -7.41
CA VAL E 18 -29.36 -7.63 -6.75
C VAL E 18 -27.95 -7.65 -7.33
N THR E 19 -27.27 -6.50 -7.27
CA THR E 19 -25.89 -6.37 -7.74
C THR E 19 -25.02 -5.81 -6.63
N ILE E 20 -23.85 -6.40 -6.43
CA ILE E 20 -22.88 -5.98 -5.43
C ILE E 20 -21.64 -5.53 -6.18
N THR E 21 -21.13 -4.35 -5.86
CA THR E 21 -20.02 -3.79 -6.61
C THR E 21 -18.74 -3.79 -5.80
N CYS E 22 -17.64 -4.02 -6.48
CA CYS E 22 -16.31 -3.89 -5.93
C CYS E 22 -15.60 -2.81 -6.74
N ARG E 23 -15.02 -1.83 -6.05
CA ARG E 23 -14.43 -0.68 -6.71
C ARG E 23 -12.99 -0.51 -6.25
N GLY E 24 -12.08 -0.38 -7.20
CA GLY E 24 -10.69 -0.14 -6.86
C GLY E 24 -9.86 0.06 -8.11
N ASP E 25 -8.68 0.64 -7.90
CA ASP E 25 -7.82 0.94 -9.04
C ASP E 25 -7.32 -0.32 -9.73
N SER E 26 -7.13 -1.43 -8.98
CA SER E 26 -6.61 -2.65 -9.59
C SER E 26 -7.53 -3.22 -10.63
N LEU E 27 -8.83 -3.05 -10.43
CA LEU E 27 -9.83 -3.69 -11.29
C LEU E 27 -9.77 -3.15 -12.71
N ARG E 28 -9.19 -1.99 -12.93
CA ARG E 28 -9.02 -1.51 -14.30
C ARG E 28 -8.15 -2.44 -15.12
N SER E 29 -7.42 -3.34 -14.47
CA SER E 29 -6.48 -4.19 -15.16
C SER E 29 -6.48 -5.62 -14.68
N HIS E 30 -7.08 -5.93 -13.55
CA HIS E 30 -7.17 -7.29 -13.07
C HIS E 30 -8.64 -7.60 -12.82
N TYR E 31 -9.03 -8.81 -13.20
CA TYR E 31 -10.38 -9.26 -12.86
C TYR E 31 -10.47 -9.56 -11.37
N ALA E 32 -11.70 -9.60 -10.86
CA ALA E 32 -11.96 -9.91 -9.47
C ALA E 32 -12.54 -11.31 -9.32
N SER E 33 -12.40 -11.89 -8.11
CA SER E 33 -13.19 -13.06 -7.76
C SER E 33 -14.03 -12.79 -6.52
N TRP E 34 -15.16 -13.49 -6.43
CA TRP E 34 -16.19 -13.24 -5.44
C TRP E 34 -16.43 -14.46 -4.56
N TYR E 35 -16.58 -14.23 -3.25
CA TYR E 35 -16.74 -15.30 -2.28
C TYR E 35 -17.95 -15.03 -1.41
N GLN E 36 -18.72 -16.06 -1.15
CA GLN E 36 -19.78 -16.00 -0.15
C GLN E 36 -19.28 -16.62 1.16
N LYS E 37 -19.59 -15.99 2.28
CA LYS E 37 -19.18 -16.50 3.59
C LYS E 37 -20.33 -16.35 4.58
N LYS E 38 -20.76 -17.50 5.16
CA LYS E 38 -21.77 -17.54 6.21
C LYS E 38 -21.13 -17.83 7.57
N PRO E 39 -21.76 -17.36 8.65
CA PRO E 39 -21.21 -17.59 9.99
C PRO E 39 -21.00 -19.07 10.25
N GLY E 40 -19.86 -19.39 10.87
CA GLY E 40 -19.50 -20.77 11.15
C GLY E 40 -19.26 -21.63 9.93
N GLN E 41 -18.97 -21.04 8.77
CA GLN E 41 -18.86 -21.82 7.54
C GLN E 41 -17.71 -21.29 6.69
N ALA E 42 -17.11 -22.18 5.93
CA ALA E 42 -15.98 -21.82 5.09
C ALA E 42 -16.44 -21.05 3.85
N PRO E 43 -15.60 -20.15 3.34
CA PRO E 43 -15.95 -19.41 2.12
C PRO E 43 -16.17 -20.34 0.93
N ILE E 44 -17.15 -19.98 0.11
CA ILE E 44 -17.41 -20.62 -1.17
C ILE E 44 -17.11 -19.62 -2.28
N LEU E 45 -16.34 -20.05 -3.29
CA LEU E 45 -16.07 -19.20 -4.49
C LEU E 45 -17.25 -19.25 -5.43
N LEU E 46 -17.69 -18.09 -5.91
CA LEU E 46 -18.91 -18.05 -6.76
C LEU E 46 -18.56 -17.66 -8.20
N PHE E 47 -17.58 -16.79 -8.39
CA PHE E 47 -17.25 -16.31 -9.76
C PHE E 47 -15.84 -15.75 -9.79
N TYR E 48 -15.18 -15.86 -10.94
CA TYR E 48 -13.82 -15.35 -11.05
C TYR E 48 -13.51 -15.06 -12.51
N GLY E 49 -12.53 -14.21 -12.75
CA GLY E 49 -12.26 -13.83 -14.14
C GLY E 49 -13.45 -13.10 -14.78
N LYS E 50 -13.43 -13.05 -16.10
CA LYS E 50 -14.63 -12.68 -16.85
C LYS E 50 -15.36 -13.95 -17.24
N ASN E 51 -16.64 -14.03 -16.88
CA ASN E 51 -17.53 -15.14 -17.27
C ASN E 51 -17.01 -16.53 -16.85
N ASN E 52 -16.42 -16.68 -15.66
CA ASN E 52 -15.96 -18.01 -15.20
C ASN E 52 -16.67 -18.42 -13.90
N ARG E 53 -17.43 -19.52 -13.94
CA ARG E 53 -18.21 -19.96 -12.79
C ARG E 53 -17.88 -21.42 -12.46
N PRO E 54 -17.42 -21.72 -11.22
CA PRO E 54 -17.07 -23.11 -10.88
C PRO E 54 -18.27 -24.04 -10.93
N SER E 55 -17.99 -25.31 -11.21
CA SER E 55 -19.03 -26.32 -11.20
C SER E 55 -19.74 -26.32 -9.85
N GLY E 56 -21.05 -26.51 -9.87
CA GLY E 56 -21.84 -26.59 -8.67
C GLY E 56 -22.41 -25.27 -8.20
N VAL E 57 -21.77 -24.16 -8.52
CA VAL E 57 -22.39 -22.86 -8.22
C VAL E 57 -23.61 -22.66 -9.10
N PRO E 58 -24.73 -22.17 -8.57
CA PRO E 58 -25.92 -21.94 -9.41
C PRO E 58 -25.69 -20.87 -10.47
N ASP E 59 -26.41 -21.03 -11.59
CA ASP E 59 -26.29 -20.09 -12.70
C ASP E 59 -26.77 -18.68 -12.35
N ARG E 60 -27.55 -18.53 -11.28
CA ARG E 60 -28.07 -17.22 -10.89
C ARG E 60 -27.01 -16.30 -10.32
N PHE E 61 -25.76 -16.72 -10.30
CA PHE E 61 -24.65 -15.85 -9.90
C PHE E 61 -23.90 -15.47 -11.17
N SER E 62 -23.62 -14.18 -11.33
CA SER E 62 -22.89 -13.69 -12.49
C SER E 62 -21.99 -12.54 -12.08
N GLY E 63 -20.79 -12.51 -12.64
CA GLY E 63 -19.83 -11.46 -12.37
C GLY E 63 -19.64 -10.63 -13.63
N SER E 64 -19.47 -9.32 -13.46
CA SER E 64 -19.11 -8.46 -14.58
C SER E 64 -18.14 -7.41 -14.07
N ALA E 65 -17.49 -6.73 -15.01
CA ALA E 65 -16.48 -5.73 -14.69
C ALA E 65 -16.49 -4.66 -15.75
N SER E 66 -16.16 -3.44 -15.34
CA SER E 66 -15.93 -2.34 -16.28
C SER E 66 -15.21 -1.23 -15.52
N GLY E 67 -14.19 -0.65 -16.17
CA GLY E 67 -13.42 0.38 -15.53
C GLY E 67 -12.75 -0.14 -14.27
N ASN E 68 -12.89 0.64 -13.20
CA ASN E 68 -12.39 0.29 -11.87
C ASN E 68 -13.45 -0.35 -11.00
N ARG E 69 -14.58 -0.73 -11.57
CA ARG E 69 -15.67 -1.35 -10.84
C ARG E 69 -15.86 -2.79 -11.30
N ALA E 70 -15.95 -3.70 -10.33
CA ALA E 70 -16.32 -5.09 -10.59
C ALA E 70 -17.60 -5.38 -9.81
N SER E 71 -18.50 -6.15 -10.40
CA SER E 71 -19.79 -6.33 -9.79
C SER E 71 -20.23 -7.78 -9.85
N LEU E 72 -21.03 -8.17 -8.86
CA LEU E 72 -21.58 -9.50 -8.77
C LEU E 72 -23.09 -9.40 -8.70
N THR E 73 -23.79 -10.15 -9.55
CA THR E 73 -25.24 -10.05 -9.69
C THR E 73 -25.90 -11.37 -9.37
N ILE E 74 -26.91 -11.33 -8.50
CA ILE E 74 -27.59 -12.52 -8.00
C ILE E 74 -29.02 -12.43 -8.51
N SER E 75 -29.36 -13.20 -9.53
CA SER E 75 -30.77 -13.24 -9.90
C SER E 75 -31.52 -14.09 -8.89
N GLY E 76 -32.83 -13.85 -8.80
CA GLY E 76 -33.70 -14.59 -7.92
C GLY E 76 -33.11 -14.86 -6.55
N ALA E 77 -32.87 -13.80 -5.78
CA ALA E 77 -32.25 -13.95 -4.48
C ALA E 77 -33.05 -14.90 -3.61
N GLN E 78 -32.36 -15.83 -2.96
CA GLN E 78 -33.01 -16.81 -2.11
C GLN E 78 -32.52 -16.64 -0.69
N ALA E 79 -33.33 -17.10 0.25
CA ALA E 79 -32.96 -16.98 1.67
C ALA E 79 -31.56 -17.52 1.92
N GLU E 80 -31.19 -18.62 1.26
CA GLU E 80 -29.86 -19.21 1.39
C GLU E 80 -28.76 -18.26 0.92
N ASP E 81 -29.10 -17.24 0.13
CA ASP E 81 -28.10 -16.28 -0.29
C ASP E 81 -27.78 -15.24 0.77
N ASP E 82 -28.59 -15.16 1.83
CA ASP E 82 -28.35 -14.24 2.92
C ASP E 82 -27.00 -14.58 3.53
N ALA E 83 -26.02 -13.71 3.35
CA ALA E 83 -24.64 -14.04 3.72
C ALA E 83 -23.80 -12.78 3.63
N GLU E 84 -22.51 -12.92 3.83
CA GLU E 84 -21.55 -11.88 3.53
C GLU E 84 -20.82 -12.23 2.23
N TYR E 85 -20.50 -11.20 1.44
CA TYR E 85 -19.97 -11.37 0.09
C TYR E 85 -18.69 -10.56 -0.07
N TYR E 86 -17.63 -11.20 -0.57
CA TYR E 86 -16.31 -10.59 -0.60
C TYR E 86 -15.77 -10.63 -2.02
N CYS E 87 -15.16 -9.54 -2.46
CA CYS E 87 -14.41 -9.56 -3.71
C CYS E 87 -12.91 -9.64 -3.41
N SER E 88 -12.17 -10.14 -4.38
CA SER E 88 -10.73 -10.23 -4.27
C SER E 88 -10.09 -9.97 -5.63
N SER E 89 -8.92 -9.35 -5.61
CA SER E 89 -8.11 -9.07 -6.79
C SER E 89 -6.71 -8.71 -6.30
N ARG E 90 -5.88 -8.20 -7.21
CA ARG E 90 -4.58 -7.68 -6.85
C ARG E 90 -4.71 -6.34 -6.12
N ASP E 91 -3.69 -6.00 -5.34
CA ASP E 91 -3.65 -4.69 -4.68
C ASP E 91 -3.14 -3.58 -5.60
N LYS E 92 -2.24 -3.91 -6.52
CA LYS E 92 -1.76 -2.98 -7.53
C LYS E 92 -1.71 -3.71 -8.87
N SER E 93 -1.68 -2.94 -9.95
CA SER E 93 -1.51 -3.51 -11.26
C SER E 93 -0.16 -4.20 -11.36
N GLY E 94 -0.16 -5.44 -11.81
CA GLY E 94 1.08 -6.18 -11.88
C GLY E 94 1.70 -6.45 -10.52
N SER E 95 0.93 -6.99 -9.59
CA SER E 95 1.46 -7.33 -8.28
C SER E 95 1.37 -8.82 -8.04
N ARG E 96 2.31 -9.34 -7.25
CA ARG E 96 2.24 -10.73 -6.81
C ARG E 96 1.39 -10.90 -5.57
N LEU E 97 0.94 -9.82 -4.95
CA LEU E 97 0.09 -9.91 -3.76
C LEU E 97 -1.39 -9.93 -4.14
N SER E 98 -2.23 -10.22 -3.16
CA SER E 98 -3.67 -10.30 -3.32
C SER E 98 -4.34 -9.68 -2.11
N VAL E 99 -5.62 -9.37 -2.26
CA VAL E 99 -6.31 -8.54 -1.29
C VAL E 99 -7.80 -8.80 -1.39
N PHE E 100 -8.51 -8.56 -0.30
CA PHE E 100 -9.95 -8.73 -0.23
C PHE E 100 -10.63 -7.38 -0.05
N GLY E 101 -11.87 -7.29 -0.53
CA GLY E 101 -12.71 -6.17 -0.15
C GLY E 101 -13.12 -6.27 1.30
N GLY E 102 -13.67 -5.16 1.82
CA GLY E 102 -14.13 -5.13 3.20
C GLY E 102 -15.34 -6.01 3.48
N GLY E 103 -16.06 -6.42 2.45
CA GLY E 103 -17.21 -7.31 2.60
C GLY E 103 -18.55 -6.61 2.55
N THR E 104 -19.55 -7.28 1.99
CA THR E 104 -20.89 -6.73 1.84
C THR E 104 -21.88 -7.69 2.47
N LYS E 105 -22.59 -7.23 3.50
CA LYS E 105 -23.68 -8.00 4.09
C LYS E 105 -24.90 -7.92 3.17
N LEU E 106 -25.37 -9.06 2.69
CA LEU E 106 -26.56 -9.10 1.85
C LEU E 106 -27.73 -9.67 2.65
N THR E 107 -28.74 -8.85 2.86
CA THR E 107 -29.95 -9.27 3.57
C THR E 107 -30.99 -9.65 2.53
N VAL E 108 -31.46 -10.89 2.58
CA VAL E 108 -32.57 -11.34 1.75
C VAL E 108 -33.79 -11.42 2.65
N LEU E 109 -34.70 -10.47 2.51
CA LEU E 109 -35.90 -10.46 3.33
C LEU E 109 -36.75 -11.67 2.95
N SER E 110 -36.78 -12.67 3.83
CA SER E 110 -37.41 -13.95 3.53
C SER E 110 -38.62 -14.23 4.41
N GLN E 111 -39.02 -13.29 5.27
CA GLN E 111 -40.14 -13.48 6.17
C GLN E 111 -40.59 -12.11 6.65
N PRO E 112 -41.79 -12.00 7.22
CA PRO E 112 -42.30 -10.69 7.62
C PRO E 112 -41.47 -10.03 8.72
N LYS E 113 -41.49 -8.69 8.72
CA LYS E 113 -40.81 -7.91 9.74
C LYS E 113 -41.36 -8.25 11.12
N ALA E 114 -40.46 -8.35 12.10
CA ALA E 114 -40.82 -8.74 13.46
C ALA E 114 -40.20 -7.77 14.46
N ALA E 115 -41.05 -7.13 15.26
CA ALA E 115 -40.57 -6.19 16.26
C ALA E 115 -39.77 -6.91 17.34
N PRO E 116 -38.73 -6.27 17.86
CA PRO E 116 -37.90 -6.92 18.87
C PRO E 116 -38.62 -7.07 20.20
N SER E 117 -38.18 -8.07 20.96
CA SER E 117 -38.70 -8.37 22.30
C SER E 117 -37.61 -8.02 23.31
N VAL E 118 -37.72 -6.82 23.89
CA VAL E 118 -36.73 -6.31 24.83
C VAL E 118 -37.10 -6.75 26.25
N THR E 119 -36.08 -7.04 27.07
CA THR E 119 -36.31 -7.43 28.46
C THR E 119 -35.13 -6.95 29.30
N LEU E 120 -35.32 -5.85 30.02
CA LEU E 120 -34.25 -5.20 30.77
C LEU E 120 -34.28 -5.71 32.21
N PHE E 121 -33.17 -6.29 32.66
CA PHE E 121 -33.02 -6.77 34.02
C PHE E 121 -32.14 -5.82 34.82
N PRO E 122 -32.49 -5.53 36.08
CA PRO E 122 -31.71 -4.59 36.88
C PRO E 122 -30.49 -5.27 37.47
N PRO E 123 -29.58 -4.51 38.09
CA PRO E 123 -28.54 -5.14 38.91
C PRO E 123 -29.12 -5.54 40.25
N SER E 124 -28.37 -6.38 40.98
CA SER E 124 -28.79 -6.77 42.32
C SER E 124 -27.78 -7.71 42.99
N SER E 125 -28.10 -8.14 44.21
CA SER E 125 -27.45 -9.28 44.89
C SER E 125 -25.96 -9.00 45.04
N GLU E 126 -25.07 -9.94 44.69
CA GLU E 126 -23.64 -9.78 44.96
C GLU E 126 -23.00 -8.66 44.13
N GLU E 127 -23.67 -8.19 43.07
CA GLU E 127 -23.14 -7.06 42.30
C GLU E 127 -23.08 -5.80 43.15
N LEU E 128 -24.16 -5.49 43.85
CA LEU E 128 -24.12 -4.38 44.80
C LEU E 128 -23.08 -4.66 45.89
N GLN E 129 -23.07 -5.89 46.42
CA GLN E 129 -22.17 -6.24 47.51
C GLN E 129 -20.70 -6.32 47.06
N ALA E 130 -20.43 -6.26 45.76
CA ALA E 130 -19.07 -6.27 45.25
C ALA E 130 -18.71 -4.97 44.53
N ASN E 131 -19.45 -3.90 44.79
CA ASN E 131 -19.13 -2.57 44.26
C ASN E 131 -18.96 -2.56 42.74
N LYS E 132 -19.83 -3.29 42.05
CA LYS E 132 -19.79 -3.33 40.59
C LYS E 132 -21.17 -3.74 40.10
N ALA E 133 -21.86 -2.83 39.45
CA ALA E 133 -23.19 -3.10 38.92
C ALA E 133 -23.16 -3.03 37.40
N THR E 134 -23.89 -3.94 36.76
CA THR E 134 -24.14 -3.88 35.33
C THR E 134 -25.63 -4.11 35.09
N LEU E 135 -26.16 -3.48 34.05
CA LEU E 135 -27.54 -3.69 33.63
C LEU E 135 -27.55 -4.39 32.29
N VAL E 136 -28.58 -5.21 32.08
CA VAL E 136 -28.58 -6.21 31.01
C VAL E 136 -29.82 -6.04 30.16
N CYS E 137 -29.64 -5.67 28.90
CA CYS E 137 -30.73 -5.55 27.93
C CYS E 137 -30.63 -6.71 26.95
N LEU E 138 -31.71 -7.48 26.83
CA LEU E 138 -31.72 -8.67 25.99
C LEU E 138 -32.83 -8.57 24.96
N ILE E 139 -32.44 -8.63 23.68
CA ILE E 139 -33.34 -8.43 22.54
C ILE E 139 -33.46 -9.75 21.79
N SER E 140 -34.68 -10.12 21.42
CA SER E 140 -34.88 -11.39 20.76
C SER E 140 -36.09 -11.31 19.84
N ASP E 141 -36.16 -12.27 18.91
CA ASP E 141 -37.32 -12.48 18.02
C ASP E 141 -37.56 -11.32 17.06
N PHE E 142 -36.54 -10.57 16.69
CA PHE E 142 -36.74 -9.47 15.74
C PHE E 142 -36.23 -9.87 14.36
N TYR E 143 -37.01 -9.51 13.33
CA TYR E 143 -36.63 -9.71 11.94
C TYR E 143 -36.99 -8.44 11.19
N PRO E 144 -36.08 -7.90 10.37
CA PRO E 144 -34.74 -8.40 10.01
C PRO E 144 -33.67 -8.14 11.06
N GLY E 145 -32.55 -8.87 10.95
CA GLY E 145 -31.52 -8.93 11.97
C GLY E 145 -30.55 -7.78 12.08
N ALA E 146 -31.07 -6.55 12.19
CA ALA E 146 -30.27 -5.37 12.48
C ALA E 146 -31.04 -4.51 13.46
N VAL E 147 -30.35 -3.98 14.47
CA VAL E 147 -31.00 -3.31 15.59
C VAL E 147 -30.05 -2.25 16.13
N THR E 148 -30.60 -1.08 16.48
CA THR E 148 -29.83 0.00 17.09
C THR E 148 -30.28 0.19 18.53
N VAL E 149 -29.33 0.19 19.47
CA VAL E 149 -29.61 0.11 20.90
C VAL E 149 -29.33 1.45 21.55
N ALA E 150 -30.34 2.02 22.21
CA ALA E 150 -30.23 3.30 22.90
C ALA E 150 -30.39 3.11 24.39
N TRP E 151 -29.41 3.59 25.15
CA TRP E 151 -29.46 3.58 26.61
C TRP E 151 -29.80 4.97 27.13
N LYS E 152 -30.65 5.02 28.16
CA LYS E 152 -30.99 6.29 28.81
C LYS E 152 -31.41 6.05 30.26
N VAL E 158 -27.87 10.21 28.06
CA VAL E 158 -26.76 9.72 27.27
C VAL E 158 -26.26 8.38 27.80
N LYS E 159 -25.35 7.73 27.07
CA LYS E 159 -24.84 6.43 27.47
C LYS E 159 -23.37 6.30 27.08
N ALA E 160 -22.57 5.77 28.01
CA ALA E 160 -21.15 5.50 27.77
C ALA E 160 -20.73 4.30 28.61
N GLY E 161 -19.60 3.69 28.22
CA GLY E 161 -19.15 2.48 28.88
C GLY E 161 -20.05 1.28 28.63
N VAL E 162 -20.43 1.07 27.37
CA VAL E 162 -21.38 0.04 26.99
C VAL E 162 -20.71 -0.94 26.03
N GLU E 163 -21.24 -2.16 25.99
CA GLU E 163 -20.79 -3.18 25.04
C GLU E 163 -22.00 -3.91 24.51
N THR E 164 -22.13 -3.95 23.18
CA THR E 164 -23.27 -4.55 22.49
C THR E 164 -22.77 -5.63 21.54
N THR E 165 -23.49 -6.77 21.50
CA THR E 165 -23.20 -7.79 20.50
C THR E 165 -23.61 -7.34 19.10
N THR E 166 -23.15 -8.11 18.08
CA THR E 166 -23.82 -8.05 16.79
C THR E 166 -24.94 -9.08 16.76
N PRO E 167 -26.00 -8.81 16.01
CA PRO E 167 -27.15 -9.72 15.99
C PRO E 167 -26.79 -11.12 15.54
N SER E 168 -27.57 -12.09 16.00
CA SER E 168 -27.35 -13.50 15.70
C SER E 168 -28.67 -14.22 15.50
N LYS E 169 -28.67 -15.17 14.56
CA LYS E 169 -29.86 -15.87 14.13
C LYS E 169 -30.28 -16.93 15.16
N GLN E 170 -31.55 -16.90 15.56
CA GLN E 170 -32.10 -17.91 16.45
C GLN E 170 -32.57 -19.12 15.65
N SER E 171 -33.24 -20.06 16.32
CA SER E 171 -33.82 -21.22 15.65
C SER E 171 -35.18 -20.92 15.02
N ASN E 172 -35.88 -19.87 15.47
CA ASN E 172 -37.07 -19.43 14.76
C ASN E 172 -36.74 -18.68 13.48
N ASN E 173 -35.46 -18.38 13.27
CA ASN E 173 -34.88 -17.64 12.14
C ASN E 173 -35.07 -16.14 12.28
N LYS E 174 -35.67 -15.65 13.35
CA LYS E 174 -35.51 -14.26 13.73
C LYS E 174 -34.18 -14.10 14.45
N TYR E 175 -33.87 -12.89 14.90
CA TYR E 175 -32.54 -12.60 15.37
C TYR E 175 -32.58 -12.14 16.82
N ALA E 176 -31.41 -12.17 17.45
CA ALA E 176 -31.28 -11.87 18.87
C ALA E 176 -29.99 -11.08 19.09
N ALA E 177 -29.95 -10.31 20.18
CA ALA E 177 -28.76 -9.54 20.50
C ALA E 177 -28.80 -9.14 21.98
N SER E 178 -27.65 -8.66 22.47
CA SER E 178 -27.49 -8.27 23.86
C SER E 178 -26.74 -6.95 23.95
N SER E 179 -26.90 -6.25 25.08
CA SER E 179 -26.15 -5.04 25.37
C SER E 179 -26.03 -4.87 26.88
N TYR E 180 -24.81 -4.58 27.35
CA TYR E 180 -24.48 -4.55 28.78
C TYR E 180 -24.03 -3.14 29.17
N LEU E 181 -24.60 -2.61 30.24
CA LEU E 181 -24.24 -1.29 30.74
C LEU E 181 -23.68 -1.41 32.15
N SER E 182 -22.41 -1.07 32.31
CA SER E 182 -21.72 -1.17 33.59
C SER E 182 -21.60 0.22 34.21
N LEU E 183 -22.13 0.38 35.41
CA LEU E 183 -22.06 1.64 36.12
C LEU E 183 -21.58 1.40 37.54
N THR E 184 -20.97 2.43 38.13
CA THR E 184 -20.59 2.34 39.53
C THR E 184 -21.87 2.30 40.38
N PRO E 185 -21.81 1.64 41.54
CA PRO E 185 -22.98 1.66 42.43
C PRO E 185 -23.39 3.06 42.87
N GLU E 186 -22.43 3.99 42.98
CA GLU E 186 -22.78 5.37 43.28
C GLU E 186 -23.58 6.00 42.15
N GLN E 187 -23.16 5.79 40.90
CA GLN E 187 -23.91 6.33 39.76
C GLN E 187 -25.28 5.69 39.63
N TRP E 188 -25.37 4.36 39.81
CA TRP E 188 -26.65 3.67 39.78
C TRP E 188 -27.58 4.17 40.88
N LYS E 189 -27.03 4.61 42.02
CA LYS E 189 -27.83 5.29 43.03
C LYS E 189 -28.09 6.75 42.70
N SER E 190 -27.32 7.35 41.79
CA SER E 190 -27.45 8.77 41.47
C SER E 190 -28.59 9.02 40.48
N HIS E 191 -28.52 8.40 39.31
CA HIS E 191 -29.58 8.56 38.32
C HIS E 191 -30.85 7.85 38.77
N ARG E 192 -31.99 8.53 38.60
CA ARG E 192 -33.26 7.97 39.06
C ARG E 192 -33.62 6.70 38.30
N SER E 193 -33.52 6.74 36.97
CA SER E 193 -33.91 5.59 36.18
C SER E 193 -33.06 5.52 34.92
N TYR E 194 -32.81 4.29 34.48
CA TYR E 194 -32.18 4.02 33.20
C TYR E 194 -33.17 3.26 32.34
N SER E 195 -33.07 3.47 31.02
CA SER E 195 -34.00 2.88 30.06
C SER E 195 -33.25 2.24 28.92
N CYS E 196 -33.86 1.19 28.36
CA CYS E 196 -33.35 0.53 27.17
C CYS E 196 -34.40 0.69 26.07
N GLN E 197 -34.09 1.53 25.09
CA GLN E 197 -34.97 1.77 23.95
C GLN E 197 -34.28 1.22 22.71
N VAL E 198 -34.81 0.12 22.17
CA VAL E 198 -34.23 -0.55 21.01
C VAL E 198 -35.03 -0.17 19.78
N THR E 199 -34.35 0.34 18.76
CA THR E 199 -34.99 0.76 17.52
C THR E 199 -34.76 -0.31 16.46
N HIS E 200 -35.86 -0.87 15.96
CA HIS E 200 -35.84 -1.86 14.89
C HIS E 200 -36.82 -1.41 13.82
N GLU E 201 -36.31 -1.12 12.62
CA GLU E 201 -37.14 -0.59 11.53
C GLU E 201 -37.80 0.72 11.93
N GLY E 202 -37.08 1.56 12.66
CA GLY E 202 -37.65 2.83 13.14
C GLY E 202 -38.45 2.77 14.41
N SER E 203 -39.42 1.87 14.50
CA SER E 203 -40.21 1.70 15.71
C SER E 203 -39.32 1.31 16.88
N THR E 204 -39.59 1.87 18.05
CA THR E 204 -38.73 1.70 19.21
C THR E 204 -39.50 0.98 20.32
N VAL E 205 -38.99 -0.16 20.73
CA VAL E 205 -39.45 -0.82 21.94
C VAL E 205 -38.69 -0.20 23.11
N GLU E 206 -39.42 0.22 24.14
CA GLU E 206 -38.85 0.95 25.28
C GLU E 206 -38.99 0.14 26.56
N LYS E 207 -37.89 0.01 27.30
CA LYS E 207 -37.91 -0.65 28.60
C LYS E 207 -37.04 0.16 29.55
N THR E 208 -37.33 0.02 30.84
CA THR E 208 -36.62 0.81 31.83
C THR E 208 -36.67 0.09 33.17
N VAL E 209 -35.78 0.49 34.07
CA VAL E 209 -35.69 -0.13 35.36
C VAL E 209 -35.52 0.94 36.45
N ALA E 210 -35.34 0.52 37.70
CA ALA E 210 -35.18 1.45 38.81
C ALA E 210 -34.46 0.69 39.97
N PRO E 211 -33.82 1.42 40.95
CA PRO E 211 -33.34 0.84 42.20
C PRO E 211 -34.41 0.51 43.23
N GLY F 3 -1.76 -37.36 -46.22
CA GLY F 3 -0.99 -36.14 -46.05
C GLY F 3 -1.67 -35.14 -45.13
N ASN F 4 -2.43 -35.64 -44.16
CA ASN F 4 -3.18 -34.80 -43.22
C ASN F 4 -2.42 -34.74 -41.90
N VAL F 5 -1.73 -33.63 -41.65
CA VAL F 5 -1.02 -33.44 -40.40
C VAL F 5 -2.02 -33.31 -39.24
N SER F 6 -1.60 -33.74 -38.06
CA SER F 6 -2.46 -33.84 -36.90
C SER F 6 -1.90 -32.98 -35.76
N GLN F 7 -2.76 -32.70 -34.78
CA GLN F 7 -2.32 -31.95 -33.61
C GLN F 7 -1.12 -32.63 -32.95
N GLU F 8 -1.25 -33.93 -32.65
CA GLU F 8 -0.14 -34.66 -32.04
C GLU F 8 1.11 -34.62 -32.91
N ASP F 9 0.94 -34.72 -34.23
CA ASP F 9 2.10 -34.71 -35.11
C ASP F 9 2.75 -33.33 -35.15
N ILE F 10 1.95 -32.26 -35.18
CA ILE F 10 2.51 -30.92 -35.11
C ILE F 10 3.25 -30.73 -33.78
N ILE F 11 2.59 -31.09 -32.68
CA ILE F 11 3.18 -30.90 -31.37
C ILE F 11 4.47 -31.70 -31.22
N ARG F 12 4.45 -32.97 -31.65
CA ARG F 12 5.66 -33.76 -31.58
C ARG F 12 6.76 -33.16 -32.44
N ALA F 13 6.40 -32.68 -33.64
CA ALA F 13 7.39 -32.07 -34.52
C ALA F 13 7.98 -30.80 -33.90
N LEU F 14 7.15 -29.99 -33.25
CA LEU F 14 7.67 -28.76 -32.65
C LEU F 14 8.51 -29.06 -31.43
N ALA F 15 8.20 -30.14 -30.69
CA ALA F 15 8.93 -30.46 -29.47
C ALA F 15 10.28 -31.10 -29.75
N GLU F 16 10.46 -31.71 -30.93
CA GLU F 16 11.71 -32.42 -31.21
C GLU F 16 12.94 -31.54 -31.06
N PRO F 17 13.01 -30.33 -31.65
CA PRO F 17 14.19 -29.50 -31.42
C PRO F 17 14.41 -29.15 -29.95
N LEU F 18 13.32 -28.92 -29.21
CA LEU F 18 13.44 -28.59 -27.79
C LEU F 18 13.94 -29.79 -27.00
N ILE F 19 13.35 -30.96 -27.24
CA ILE F 19 13.83 -32.18 -26.60
C ILE F 19 15.30 -32.40 -26.92
N ASP F 20 15.68 -32.28 -28.19
CA ASP F 20 17.07 -32.53 -28.58
C ASP F 20 18.02 -31.51 -27.97
N ASP F 21 17.53 -30.31 -27.66
CA ASP F 21 18.37 -29.23 -27.18
C ASP F 21 18.51 -29.19 -25.66
N GLY F 22 17.82 -30.07 -24.94
CA GLY F 22 17.84 -30.00 -23.49
C GLY F 22 16.87 -29.00 -22.90
N MET F 23 16.01 -28.39 -23.72
CA MET F 23 15.11 -27.38 -23.20
C MET F 23 13.98 -28.00 -22.38
N VAL F 24 13.51 -29.17 -22.80
CA VAL F 24 12.44 -29.89 -22.12
C VAL F 24 12.79 -31.37 -22.06
N GLU F 25 12.13 -32.07 -21.14
CA GLU F 25 12.28 -33.51 -21.02
C GLU F 25 11.57 -34.23 -22.16
N LYS F 26 11.98 -35.48 -22.39
CA LYS F 26 11.44 -36.28 -23.49
C LYS F 26 9.91 -36.36 -23.45
N GLU F 27 9.35 -36.51 -22.25
CA GLU F 27 7.91 -36.68 -22.10
C GLU F 27 7.13 -35.39 -22.32
N PHE F 28 7.80 -34.30 -22.71
CA PHE F 28 7.13 -33.00 -22.81
C PHE F 28 6.00 -33.03 -23.82
N ALA F 29 6.23 -33.62 -25.00
CA ALA F 29 5.20 -33.62 -26.03
C ALA F 29 3.97 -34.40 -25.59
N ASP F 30 4.18 -35.54 -24.93
CA ASP F 30 3.05 -36.34 -24.48
C ASP F 30 2.14 -35.54 -23.54
N HIS F 31 2.75 -34.75 -22.65
CA HIS F 31 1.97 -33.96 -21.69
C HIS F 31 1.40 -32.68 -22.30
N VAL F 32 2.07 -32.11 -23.30
CA VAL F 32 1.47 -30.99 -24.03
C VAL F 32 0.15 -31.42 -24.66
N ILE F 33 0.08 -32.65 -25.16
CA ILE F 33 -1.14 -33.15 -25.79
C ILE F 33 -2.24 -33.35 -24.74
N GLU F 34 -1.89 -33.86 -23.56
CA GLU F 34 -2.86 -33.99 -22.49
C GLU F 34 -3.36 -32.62 -22.04
N ARG F 35 -2.46 -31.63 -22.03
CA ARG F 35 -2.84 -30.26 -21.71
C ARG F 35 -3.45 -29.52 -22.89
N GLU F 36 -3.80 -30.23 -23.97
CA GLU F 36 -4.55 -29.63 -25.06
C GLU F 36 -5.98 -30.12 -25.13
N LYS F 37 -6.26 -31.36 -24.70
CA LYS F 37 -7.64 -31.82 -24.62
C LYS F 37 -8.42 -30.94 -23.65
N GLN F 38 -7.98 -30.89 -22.40
CA GLN F 38 -8.35 -29.85 -21.46
C GLN F 38 -7.30 -28.74 -21.53
N THR F 39 -7.72 -27.53 -21.16
CA THR F 39 -6.97 -26.31 -21.48
C THR F 39 -6.64 -26.23 -22.96
N PRO F 40 -7.65 -26.11 -23.83
CA PRO F 40 -7.39 -25.89 -25.26
C PRO F 40 -6.76 -24.52 -25.49
N THR F 41 -5.97 -24.42 -26.55
CA THR F 41 -5.14 -23.26 -26.86
C THR F 41 -5.33 -22.77 -28.30
N GLY F 42 -6.54 -22.87 -28.85
CA GLY F 42 -6.80 -22.41 -30.21
C GLY F 42 -7.46 -21.05 -30.22
N LEU F 43 -6.92 -20.16 -31.06
CA LEU F 43 -7.30 -18.76 -31.02
C LEU F 43 -7.63 -18.23 -32.41
N GLN F 44 -8.58 -17.30 -32.45
CA GLN F 44 -9.13 -16.80 -33.70
C GLN F 44 -8.38 -15.58 -34.17
N ALA F 45 -8.17 -15.49 -35.47
CA ALA F 45 -7.65 -14.27 -36.07
C ALA F 45 -7.96 -14.29 -37.55
N GLU F 46 -8.71 -13.29 -38.02
CA GLU F 46 -9.13 -13.23 -39.42
C GLU F 46 -7.96 -13.32 -40.38
N PRO F 47 -6.76 -12.83 -40.02
CA PRO F 47 -5.58 -13.18 -40.82
C PRO F 47 -5.43 -14.68 -40.97
N VAL F 48 -5.31 -15.37 -39.84
CA VAL F 48 -5.20 -16.82 -39.78
C VAL F 48 -5.32 -17.19 -38.32
N GLY F 49 -5.82 -18.40 -38.02
CA GLY F 49 -5.94 -18.83 -36.64
C GLY F 49 -4.61 -19.22 -36.03
N VAL F 50 -4.53 -19.14 -34.70
CA VAL F 50 -3.29 -19.36 -33.96
C VAL F 50 -3.55 -20.37 -32.85
N ALA F 51 -2.58 -21.25 -32.59
CA ALA F 51 -2.62 -22.12 -31.44
C ALA F 51 -1.35 -21.93 -30.60
N ILE F 52 -1.50 -22.05 -29.28
CA ILE F 52 -0.35 -21.89 -28.39
C ILE F 52 -0.24 -23.06 -27.40
N PRO F 53 0.19 -24.23 -27.85
CA PRO F 53 0.34 -25.36 -26.93
C PRO F 53 1.46 -25.13 -25.93
N HIS F 54 1.26 -25.61 -24.71
CA HIS F 54 2.22 -25.39 -23.62
C HIS F 54 1.74 -26.17 -22.41
N THR F 55 2.69 -26.52 -21.55
CA THR F 55 2.34 -26.95 -20.19
C THR F 55 2.31 -25.70 -19.31
N MET F 56 2.25 -25.89 -17.98
CA MET F 56 2.33 -24.79 -17.04
C MET F 56 3.66 -24.76 -16.29
N GLY F 57 4.73 -25.19 -16.96
CA GLY F 57 6.06 -25.22 -16.39
C GLY F 57 6.58 -26.61 -16.12
N GLU F 58 5.71 -27.60 -16.14
CA GLU F 58 6.13 -28.98 -15.93
C GLU F 58 6.94 -29.47 -17.12
N TYR F 59 7.99 -30.25 -16.84
CA TYR F 59 8.86 -30.86 -17.84
C TYR F 59 9.65 -29.84 -18.65
N VAL F 60 9.73 -28.60 -18.19
CA VAL F 60 10.47 -27.55 -18.88
C VAL F 60 11.75 -27.28 -18.11
N ARG F 61 12.88 -27.39 -18.78
CA ARG F 61 14.16 -27.14 -18.12
C ARG F 61 14.77 -25.78 -18.47
N GLU F 62 14.61 -25.31 -19.71
CA GLU F 62 15.03 -23.96 -20.06
C GLU F 62 13.97 -23.32 -20.95
N ASN F 63 13.69 -22.05 -20.69
CA ASN F 63 12.61 -21.35 -21.40
C ASN F 63 12.90 -21.26 -22.89
N ALA F 64 11.93 -21.67 -23.71
CA ALA F 64 12.13 -21.75 -25.15
C ALA F 64 10.79 -21.66 -25.87
N ILE F 65 10.87 -21.30 -27.16
CA ILE F 65 9.72 -21.26 -28.06
C ILE F 65 10.09 -21.96 -29.36
N SER F 66 9.11 -22.65 -29.94
CA SER F 66 9.27 -23.37 -31.20
C SER F 66 8.00 -23.13 -32.01
N VAL F 67 8.18 -22.76 -33.28
CA VAL F 67 7.11 -22.11 -34.06
C VAL F 67 6.86 -22.88 -35.35
N GLY F 68 5.58 -23.10 -35.66
CA GLY F 68 5.21 -23.87 -36.83
C GLY F 68 4.40 -23.12 -37.88
N ILE F 69 4.84 -23.22 -39.12
CA ILE F 69 4.12 -22.69 -40.28
C ILE F 69 3.47 -23.87 -40.99
N LEU F 70 2.15 -23.96 -40.92
CA LEU F 70 1.42 -25.03 -41.56
C LEU F 70 0.92 -24.59 -42.92
N THR F 71 0.88 -25.54 -43.86
CA THR F 71 0.51 -25.24 -45.24
C THR F 71 -0.96 -25.57 -45.53
N LYS F 72 -1.74 -25.87 -44.51
CA LYS F 72 -3.17 -26.15 -44.66
C LYS F 72 -3.84 -26.11 -43.29
N PRO F 73 -5.13 -25.75 -43.20
CA PRO F 73 -5.73 -25.52 -41.90
C PRO F 73 -5.91 -26.81 -41.11
N VAL F 74 -5.54 -26.75 -39.82
CA VAL F 74 -5.72 -27.85 -38.89
C VAL F 74 -6.59 -27.36 -37.76
N ASN F 75 -7.76 -27.99 -37.60
CA ASN F 75 -8.69 -27.59 -36.56
C ASN F 75 -8.12 -27.85 -35.17
N PHE F 76 -8.11 -26.81 -34.33
CA PHE F 76 -7.84 -26.95 -32.91
C PHE F 76 -9.05 -26.49 -32.12
N THR F 77 -9.27 -27.10 -30.97
CA THR F 77 -10.30 -26.60 -30.08
C THR F 77 -9.93 -25.22 -29.57
N GLY F 78 -10.94 -24.41 -29.29
CA GLY F 78 -10.71 -23.00 -29.02
C GLY F 78 -10.29 -22.74 -27.58
N TRP F 79 -9.36 -21.80 -27.42
CA TRP F 79 -8.99 -21.30 -26.11
C TRP F 79 -10.20 -20.75 -25.35
N TYR F 80 -11.18 -20.19 -26.06
CA TYR F 80 -12.29 -19.53 -25.38
C TYR F 80 -13.58 -20.34 -25.39
N GLN F 81 -14.04 -20.77 -26.56
CA GLN F 81 -15.28 -21.52 -26.61
C GLN F 81 -15.29 -22.35 -27.87
N SER F 82 -16.05 -23.44 -27.82
CA SER F 82 -16.10 -24.42 -28.89
C SER F 82 -17.36 -24.26 -29.74
N GLU F 83 -17.79 -23.01 -29.98
CA GLU F 83 -18.89 -22.80 -30.91
C GLU F 83 -18.57 -23.39 -32.27
N GLU F 84 -17.29 -23.49 -32.59
CA GLU F 84 -16.73 -24.20 -33.75
C GLU F 84 -15.23 -24.29 -33.56
N PRO F 85 -14.59 -25.38 -33.98
CA PRO F 85 -13.12 -25.48 -33.84
C PRO F 85 -12.43 -24.34 -34.59
N VAL F 86 -11.20 -24.06 -34.19
CA VAL F 86 -10.46 -22.92 -34.72
C VAL F 86 -9.46 -23.44 -35.76
N PRO F 87 -9.65 -23.14 -37.04
CA PRO F 87 -8.67 -23.57 -38.05
C PRO F 87 -7.37 -22.79 -37.89
N VAL F 88 -6.26 -23.51 -37.80
CA VAL F 88 -4.98 -22.93 -37.41
C VAL F 88 -3.97 -23.14 -38.53
N ARG F 89 -3.09 -22.16 -38.69
CA ARG F 89 -1.97 -22.30 -39.60
C ARG F 89 -0.64 -21.91 -38.97
N VAL F 90 -0.64 -21.33 -37.79
CA VAL F 90 0.60 -20.98 -37.09
C VAL F 90 0.47 -21.41 -35.63
N VAL F 91 1.55 -21.99 -35.09
CA VAL F 91 1.55 -22.62 -33.78
C VAL F 91 2.77 -22.13 -33.02
N PHE F 92 2.57 -21.74 -31.76
CA PHE F 92 3.65 -21.23 -30.92
C PHE F 92 3.81 -22.20 -29.75
N MET F 93 4.74 -23.14 -29.86
CA MET F 93 5.03 -24.00 -28.73
C MET F 93 5.76 -23.19 -27.67
N LEU F 94 5.13 -23.03 -26.50
CA LEU F 94 5.78 -22.38 -25.37
C LEU F 94 6.33 -23.43 -24.44
N ALA F 95 7.59 -23.27 -24.03
CA ALA F 95 8.17 -24.07 -22.96
C ALA F 95 8.69 -23.08 -21.91
N ILE F 96 7.78 -22.63 -21.05
CA ILE F 96 8.10 -21.68 -19.99
C ILE F 96 7.76 -22.32 -18.65
N ARG F 97 8.62 -22.10 -17.66
CA ARG F 97 8.47 -22.74 -16.35
C ARG F 97 7.58 -21.94 -15.41
N ASN F 98 7.92 -20.67 -15.23
CA ASN F 98 7.35 -19.87 -14.17
C ASN F 98 6.07 -19.20 -14.66
N TRP F 99 4.96 -19.38 -13.91
CA TRP F 99 3.66 -18.80 -14.28
C TRP F 99 3.78 -17.30 -14.52
N PHE F 100 4.61 -16.61 -13.73
CA PHE F 100 4.86 -15.20 -13.97
C PHE F 100 5.57 -14.98 -15.30
N ASP F 101 6.48 -15.86 -15.66
CA ASP F 101 7.06 -15.74 -16.99
C ASP F 101 6.08 -16.19 -18.05
N ILE F 102 5.23 -17.17 -17.74
CA ILE F 102 4.20 -17.61 -18.68
C ILE F 102 3.27 -16.45 -19.04
N THR F 103 2.73 -15.75 -18.03
CA THR F 103 1.83 -14.64 -18.31
C THR F 103 2.54 -13.55 -19.10
N ASN F 104 3.78 -13.25 -18.71
CA ASN F 104 4.59 -12.30 -19.45
C ASN F 104 4.71 -12.72 -20.91
N VAL F 105 5.07 -13.97 -21.17
CA VAL F 105 5.31 -14.41 -22.54
C VAL F 105 4.02 -14.40 -23.33
N LEU F 106 2.90 -14.82 -22.72
CA LEU F 106 1.65 -14.82 -23.47
C LEU F 106 1.16 -13.41 -23.73
N ASN F 107 1.50 -12.46 -22.87
CA ASN F 107 1.17 -11.07 -23.18
C ASN F 107 2.01 -10.58 -24.35
N TRP F 108 3.26 -11.03 -24.43
CA TRP F 108 4.09 -10.68 -25.57
C TRP F 108 3.55 -11.29 -26.84
N ILE F 109 3.12 -12.55 -26.78
CA ILE F 109 2.59 -13.18 -27.98
C ILE F 109 1.47 -12.33 -28.54
N LYS F 110 0.54 -11.88 -27.69
CA LYS F 110 -0.66 -11.22 -28.21
C LYS F 110 -0.32 -10.05 -29.12
N ARG F 111 0.65 -9.21 -28.73
CA ARG F 111 1.01 -8.08 -29.58
C ARG F 111 1.46 -8.52 -30.98
N VAL F 112 1.91 -9.77 -31.13
CA VAL F 112 2.33 -10.28 -32.43
C VAL F 112 1.13 -10.58 -33.33
N ILE F 113 0.11 -11.26 -32.78
CA ILE F 113 -1.06 -11.62 -33.60
C ILE F 113 -1.86 -10.38 -34.00
N GLN F 114 -1.83 -9.32 -33.21
CA GLN F 114 -2.49 -8.09 -33.65
C GLN F 114 -1.82 -7.53 -34.89
N ASP F 115 -0.50 -7.74 -35.03
CA ASP F 115 0.21 -7.31 -36.22
C ASP F 115 -0.13 -8.22 -37.39
N ARG F 116 -1.16 -7.88 -38.16
CA ARG F 116 -1.49 -8.68 -39.34
C ARG F 116 -0.40 -8.62 -40.41
N ASP F 117 0.55 -7.69 -40.33
CA ASP F 117 1.69 -7.68 -41.24
C ASP F 117 2.71 -8.77 -40.90
N PHE F 118 2.87 -9.13 -39.62
CA PHE F 118 3.77 -10.22 -39.25
C PHE F 118 3.23 -11.57 -39.72
N MET F 119 1.92 -11.75 -39.63
CA MET F 119 1.25 -12.80 -40.40
C MET F 119 1.21 -12.42 -41.88
N ARG F 120 1.13 -13.44 -42.73
CA ARG F 120 1.13 -13.35 -44.19
C ARG F 120 2.52 -12.96 -44.66
N ARG F 121 3.36 -12.49 -43.73
CA ARG F 121 4.80 -12.51 -43.89
C ARG F 121 5.39 -13.73 -43.23
N LEU F 122 4.55 -14.50 -42.56
CA LEU F 122 4.88 -15.81 -42.04
C LEU F 122 4.26 -16.91 -42.86
N LEU F 123 3.03 -16.72 -43.34
CA LEU F 123 2.44 -17.69 -44.26
C LEU F 123 3.20 -17.77 -45.57
N THR F 124 4.07 -16.79 -45.84
CA THR F 124 4.97 -16.83 -46.98
C THR F 124 6.29 -16.20 -46.52
N MET F 125 7.23 -17.05 -46.10
CA MET F 125 8.59 -16.65 -45.79
C MET F 125 9.40 -17.93 -45.54
N ASN F 126 10.66 -17.78 -45.12
CA ASN F 126 11.58 -18.89 -44.96
C ASN F 126 12.05 -19.02 -43.51
N ASP F 127 12.57 -20.20 -43.17
CA ASP F 127 13.07 -20.46 -41.82
C ASP F 127 14.03 -19.38 -41.36
N GLU F 128 14.93 -18.96 -42.25
CA GLU F 128 15.82 -17.85 -41.93
C GLU F 128 15.04 -16.58 -41.64
N GLU F 129 13.99 -16.29 -42.44
CA GLU F 129 13.28 -15.03 -42.31
C GLU F 129 12.42 -14.98 -41.04
N ILE F 130 11.88 -16.14 -40.62
CA ILE F 130 11.14 -16.16 -39.36
C ILE F 130 12.09 -16.01 -38.19
N TYR F 131 13.19 -16.78 -38.19
CA TYR F 131 14.11 -16.74 -37.05
C TYR F 131 14.71 -15.35 -36.89
N GLU F 132 15.22 -14.76 -37.98
CA GLU F 132 15.84 -13.46 -37.90
C GLU F 132 14.86 -12.43 -37.36
N GLU F 133 13.62 -12.44 -37.86
CA GLU F 133 12.65 -11.46 -37.41
C GLU F 133 12.27 -11.68 -35.95
N ILE F 134 12.06 -12.93 -35.56
CA ILE F 134 11.57 -13.20 -34.21
C ILE F 134 12.68 -12.98 -33.18
N TYR F 135 13.89 -13.47 -33.47
CA TYR F 135 15.03 -13.27 -32.56
C TYR F 135 15.23 -11.80 -32.22
N LYS F 136 14.98 -10.90 -33.18
CA LYS F 136 14.93 -9.48 -32.88
C LYS F 136 13.63 -9.10 -32.19
N LYS F 137 12.50 -9.67 -32.63
CA LYS F 137 11.22 -9.34 -32.01
C LYS F 137 11.20 -9.75 -30.54
N ILE F 138 11.93 -10.81 -30.19
CA ILE F 138 12.17 -11.11 -28.78
C ILE F 138 13.00 -10.01 -28.14
N LYS F 139 14.06 -9.57 -28.83
CA LYS F 139 14.89 -8.49 -28.31
C LYS F 139 14.12 -7.17 -28.26
N GLN F 140 13.27 -6.92 -29.25
CA GLN F 140 12.44 -5.71 -29.24
C GLN F 140 11.43 -5.72 -28.09
N ALA F 141 11.17 -6.88 -27.50
CA ALA F 141 10.27 -6.97 -26.36
C ALA F 141 10.94 -6.44 -25.09
N PRO F 142 10.25 -5.61 -24.32
CA PRO F 142 10.79 -5.11 -23.06
C PRO F 142 10.42 -5.97 -21.86
N ASN F 143 11.29 -5.95 -20.86
CA ASN F 143 11.16 -6.66 -19.58
C ASN F 143 10.87 -8.15 -19.76
N LEU F 144 11.09 -8.71 -20.94
CA LEU F 144 10.79 -10.11 -21.19
C LEU F 144 11.87 -11.01 -20.59
N THR F 145 11.45 -12.02 -19.85
CA THR F 145 12.41 -12.98 -19.31
C THR F 145 13.20 -13.63 -20.43
N GLY F 146 14.43 -14.06 -20.10
CA GLY F 146 15.27 -14.66 -21.11
C GLY F 146 14.61 -15.87 -21.74
N ILE F 147 14.76 -15.99 -23.06
CA ILE F 147 14.21 -17.10 -23.82
C ILE F 147 15.27 -17.57 -24.81
N HIS F 148 15.11 -18.82 -25.25
CA HIS F 148 16.03 -19.45 -26.17
C HIS F 148 15.35 -19.66 -27.51
N PHE F 149 16.00 -19.23 -28.59
CA PHE F 149 15.39 -19.34 -29.91
C PHE F 149 16.47 -19.53 -30.96
N THR F 150 16.46 -20.70 -31.61
CA THR F 150 17.38 -21.05 -32.67
C THR F 150 16.63 -21.22 -33.99
N LYS F 151 17.39 -21.19 -35.09
CA LYS F 151 16.81 -21.49 -36.40
C LYS F 151 16.30 -22.93 -36.48
N LYS F 152 16.76 -23.82 -35.59
CA LYS F 152 16.19 -25.15 -35.51
C LYS F 152 14.83 -25.17 -34.84
N TYR F 153 14.45 -24.09 -34.15
CA TYR F 153 13.14 -24.00 -33.53
C TYR F 153 12.08 -23.44 -34.47
N VAL F 154 12.43 -23.15 -35.72
CA VAL F 154 11.50 -22.66 -36.73
C VAL F 154 11.39 -23.70 -37.84
N ARG F 155 10.16 -24.09 -38.15
CA ARG F 155 9.94 -25.24 -39.03
C ARG F 155 8.53 -25.17 -39.66
N HIS F 156 8.43 -25.70 -40.88
CA HIS F 156 7.18 -25.80 -41.61
C HIS F 156 6.60 -27.20 -41.56
N LEU F 157 5.27 -27.29 -41.61
CA LEU F 157 4.57 -28.57 -41.69
C LEU F 157 3.39 -28.46 -42.66
#